data_8VP1
#
_entry.id   8VP1
#
_cell.length_a   1.00
_cell.length_b   1.00
_cell.length_c   1.00
_cell.angle_alpha   90.00
_cell.angle_beta   90.00
_cell.angle_gamma   90.00
#
_symmetry.space_group_name_H-M   'P 1'
#
loop_
_entity.id
_entity.type
_entity.pdbx_description
1 polymer 'ABC-type bacteriocin transporter'
2 non-polymer "ADENOSINE-5'-TRIPHOSPHATE"
#
_entity_poly.entity_id   1
_entity_poly.type   'polypeptide(L)'
_entity_poly.pdbx_seq_one_letter_code
;MGHHHHHHHHHHSSGHIDDDDKHMTQNMMVKFAGFLKPLKKTVLAIFLASLLYTALGIAGSFYIKFLFDDLIKFEKLNDL
HIISAGFAVIFLLQIFLNYYRSILVTKLGMSIDKSIMMEYYSHVLKLPMNFFNSRKVGEIISRFMDASKIRQAISGATLT
IMIDTIMAVIGGILLYIQNSSLFFISFIIILLYGIIVTVFNKPIQNANRQIMEDNAKLTSALVESVKGIETIKSFGAEEQ
TEKSTRDKIETVMKSSFKEGMLYINLSSLTGIVAGLGGIVILWAGAYNVIKGNMSGGQLLAFNALLAYFLTPVKNLIDLQ
PLIQTAVVASNRLGEILELATEKELREDSDDFVISLKGDIEFRNVDFRYGLRKPVLKNINLTIPKGKTVAIVGESGSGKT
TLAKLLMNFYSPEKGDILINGHSIKNISLELIRKKIAFVSQDVFIFSGTVKENLALGNENVDMDEIIKAAKMANAHDFIE
KLPLKYDTFLNESGANLSEGQKQRLAIARALLKKPDILILDEATSNLDSITENHIKDAIYGLEDDVTVIIIAHRLSTIVN
LDKIYLLKDGEIVESGSHTELIALKGAYFKMWKQTENTLAS
;
_entity_poly.pdbx_strand_id   A,B
#
# COMPACT_ATOMS: atom_id res chain seq x y z
N GLN A 26 -6.19 -9.75 22.26
CA GLN A 26 -5.42 -10.83 22.83
C GLN A 26 -4.39 -10.29 23.83
N ASN A 27 -3.11 -10.55 23.58
CA ASN A 27 -2.04 -10.06 24.45
C ASN A 27 -1.39 -8.79 23.91
N MET A 28 -1.88 -8.24 22.80
CA MET A 28 -1.36 -6.96 22.31
C MET A 28 -1.72 -5.80 23.23
N MET A 29 -2.75 -5.98 24.06
CA MET A 29 -3.11 -4.93 25.02
C MET A 29 -1.98 -4.65 25.99
N VAL A 30 -1.21 -5.69 26.35
CA VAL A 30 -0.08 -5.50 27.25
C VAL A 30 0.97 -4.60 26.61
N LYS A 31 1.29 -4.85 25.34
CA LYS A 31 2.29 -4.03 24.67
C LYS A 31 1.77 -2.62 24.43
N PHE A 32 0.47 -2.48 24.19
CA PHE A 32 -0.14 -1.15 24.10
C PHE A 32 -0.01 -0.40 25.41
N ALA A 33 -0.25 -1.08 26.53
CA ALA A 33 -0.10 -0.45 27.84
C ALA A 33 1.35 -0.08 28.10
N GLY A 34 2.28 -0.95 27.71
CA GLY A 34 3.69 -0.63 27.84
C GLY A 34 4.08 0.60 27.05
N PHE A 35 3.51 0.76 25.85
CA PHE A 35 3.73 1.98 25.09
C PHE A 35 3.15 3.18 25.83
N LEU A 36 1.99 3.02 26.45
CA LEU A 36 1.35 4.14 27.14
C LEU A 36 2.11 4.55 28.40
N LYS A 37 2.82 3.63 29.03
CA LYS A 37 3.43 3.90 30.33
C LYS A 37 4.37 5.11 30.33
N PRO A 38 5.28 5.30 29.37
CA PRO A 38 6.09 6.53 29.38
C PRO A 38 5.27 7.80 29.21
N LEU A 39 4.06 7.70 28.65
CA LEU A 39 3.23 8.86 28.38
C LEU A 39 2.16 9.08 29.45
N LYS A 40 2.45 8.68 30.69
CA LYS A 40 1.47 8.83 31.75
C LYS A 40 1.18 10.30 32.04
N LYS A 41 2.22 11.15 31.99
CA LYS A 41 2.00 12.58 32.21
C LYS A 41 1.09 13.17 31.14
N THR A 42 1.34 12.82 29.88
CA THR A 42 0.50 13.34 28.80
C THR A 42 -0.93 12.86 28.95
N VAL A 43 -1.13 11.59 29.29
CA VAL A 43 -2.48 11.09 29.46
C VAL A 43 -3.18 11.80 30.62
N LEU A 44 -2.46 12.03 31.72
CA LEU A 44 -3.05 12.74 32.85
C LEU A 44 -3.45 14.16 32.46
N ALA A 45 -2.59 14.85 31.72
CA ALA A 45 -2.94 16.20 31.29
C ALA A 45 -4.16 16.18 30.38
N ILE A 46 -4.25 15.20 29.48
CA ILE A 46 -5.43 15.08 28.63
C ILE A 46 -6.68 14.90 29.47
N PHE A 47 -6.60 14.03 30.48
CA PHE A 47 -7.77 13.78 31.31
C PHE A 47 -8.20 15.03 32.06
N LEU A 48 -7.24 15.75 32.64
CA LEU A 48 -7.59 16.96 33.39
C LEU A 48 -8.17 18.02 32.48
N ALA A 49 -7.57 18.23 31.31
CA ALA A 49 -8.07 19.25 30.39
C ALA A 49 -9.47 18.91 29.90
N SER A 50 -9.71 17.64 29.59
CA SER A 50 -11.04 17.24 29.14
C SER A 50 -12.08 17.39 30.26
N LEU A 51 -11.70 17.04 31.48
CA LEU A 51 -12.63 17.20 32.60
C LEU A 51 -12.98 18.67 32.81
N LEU A 52 -11.99 19.55 32.74
CA LEU A 52 -12.27 20.98 32.85
C LEU A 52 -13.14 21.45 31.70
N TYR A 53 -12.91 20.92 30.49
CA TYR A 53 -13.75 21.29 29.35
C TYR A 53 -15.20 20.94 29.62
N THR A 54 -15.43 19.72 30.13
CA THR A 54 -16.80 19.29 30.40
C THR A 54 -17.44 20.13 31.51
N ALA A 55 -16.69 20.42 32.58
CA ALA A 55 -17.24 21.23 33.66
C ALA A 55 -17.59 22.63 33.17
N LEU A 56 -16.72 23.23 32.37
CA LEU A 56 -17.03 24.55 31.82
C LEU A 56 -18.23 24.50 30.89
N GLY A 57 -18.37 23.42 30.11
CA GLY A 57 -19.55 23.30 29.27
C GLY A 57 -20.82 23.24 30.08
N ILE A 58 -20.81 22.45 31.16
CA ILE A 58 -21.97 22.37 32.03
C ILE A 58 -22.29 23.74 32.61
N ALA A 59 -21.27 24.45 33.08
CA ALA A 59 -21.50 25.75 33.69
C ALA A 59 -22.05 26.75 32.68
N GLY A 60 -21.50 26.77 31.47
CA GLY A 60 -21.92 27.72 30.46
C GLY A 60 -23.21 27.37 29.76
N SER A 61 -23.71 26.16 29.96
CA SER A 61 -25.03 25.87 29.36
C SER A 61 -26.18 26.54 30.09
N PHE A 62 -25.97 27.47 31.02
CA PHE A 62 -27.04 28.12 31.76
C PHE A 62 -27.33 29.53 31.27
N TYR A 63 -26.72 29.95 30.16
CA TYR A 63 -26.76 31.37 29.79
C TYR A 63 -28.17 31.81 29.43
N ILE A 64 -28.85 31.05 28.58
CA ILE A 64 -30.18 31.44 28.14
C ILE A 64 -31.14 31.48 29.33
N LYS A 65 -31.06 30.48 30.20
CA LYS A 65 -31.94 30.44 31.36
C LYS A 65 -31.67 31.59 32.31
N PHE A 66 -30.40 31.92 32.52
CA PHE A 66 -30.08 33.04 33.40
C PHE A 66 -30.48 34.37 32.79
N LEU A 67 -30.47 34.47 31.46
CA LEU A 67 -30.82 35.71 30.79
C LEU A 67 -32.33 35.93 30.81
N PHE A 68 -33.09 34.94 30.34
CA PHE A 68 -34.54 35.12 30.23
C PHE A 68 -35.22 35.10 31.58
N ASP A 69 -34.87 34.13 32.43
CA ASP A 69 -35.63 33.93 33.66
C ASP A 69 -35.28 34.97 34.73
N ASP A 70 -34.00 35.35 34.85
CA ASP A 70 -33.55 36.12 35.98
C ASP A 70 -32.97 37.48 35.65
N LEU A 71 -32.74 37.80 34.37
CA LEU A 71 -32.06 39.03 34.02
C LEU A 71 -32.97 40.02 33.29
N ILE A 72 -33.54 39.64 32.15
CA ILE A 72 -34.29 40.61 31.36
C ILE A 72 -35.58 41.00 32.07
N LYS A 73 -36.22 40.04 32.73
CA LYS A 73 -37.46 40.32 33.42
C LYS A 73 -37.25 41.28 34.59
N PHE A 74 -36.02 41.42 35.07
CA PHE A 74 -35.69 42.35 36.14
C PHE A 74 -35.14 43.68 35.64
N GLU A 75 -34.97 43.83 34.33
CA GLU A 75 -34.52 45.08 33.71
C GLU A 75 -33.18 45.54 34.28
N LYS A 76 -32.16 44.72 34.05
CA LYS A 76 -30.80 45.03 34.46
C LYS A 76 -29.92 45.10 33.23
N LEU A 77 -29.20 46.22 33.06
CA LEU A 77 -28.41 46.47 31.86
C LEU A 77 -26.92 46.30 32.11
N ASN A 78 -26.38 46.95 33.13
CA ASN A 78 -24.98 46.74 33.48
C ASN A 78 -24.72 45.30 33.87
N ASP A 79 -25.67 44.69 34.59
CA ASP A 79 -25.57 43.28 34.91
C ASP A 79 -25.59 42.43 33.64
N LEU A 80 -26.44 42.82 32.68
CA LEU A 80 -26.40 42.18 31.36
C LEU A 80 -25.01 42.21 30.76
N HIS A 81 -24.39 43.39 30.76
CA HIS A 81 -23.09 43.53 30.12
C HIS A 81 -22.06 42.66 30.83
N ILE A 82 -22.09 42.67 32.17
CA ILE A 82 -21.12 41.91 32.95
C ILE A 82 -21.28 40.41 32.70
N ILE A 83 -22.52 39.92 32.73
CA ILE A 83 -22.75 38.49 32.55
C ILE A 83 -22.40 38.04 31.14
N SER A 84 -22.77 38.84 30.13
CA SER A 84 -22.41 38.47 28.76
C SER A 84 -20.90 38.42 28.58
N ALA A 85 -20.19 39.41 29.13
CA ALA A 85 -18.73 39.37 29.06
C ALA A 85 -18.19 38.15 29.76
N GLY A 86 -18.75 37.81 30.93
CA GLY A 86 -18.27 36.63 31.65
C GLY A 86 -18.46 35.35 30.86
N PHE A 87 -19.60 35.22 30.20
CA PHE A 87 -19.83 34.00 29.44
C PHE A 87 -18.98 33.94 28.19
N ALA A 88 -18.70 35.09 27.57
CA ALA A 88 -17.72 35.11 26.49
C ALA A 88 -16.36 34.64 26.99
N VAL A 89 -15.96 35.11 28.18
CA VAL A 89 -14.67 34.70 28.74
C VAL A 89 -14.64 33.21 29.01
N ILE A 90 -15.71 32.67 29.59
CA ILE A 90 -15.71 31.25 29.91
C ILE A 90 -15.69 30.42 28.63
N PHE A 91 -16.34 30.91 27.58
CA PHE A 91 -16.29 30.21 26.31
C PHE A 91 -14.88 30.23 25.71
N LEU A 92 -14.19 31.35 25.82
CA LEU A 92 -12.82 31.41 25.31
C LEU A 92 -11.92 30.45 26.09
N LEU A 93 -12.12 30.35 27.41
CA LEU A 93 -11.39 29.36 28.19
C LEU A 93 -11.71 27.95 27.70
N GLN A 94 -12.98 27.70 27.40
CA GLN A 94 -13.38 26.40 26.86
C GLN A 94 -12.60 26.08 25.60
N ILE A 95 -12.46 27.06 24.71
CA ILE A 95 -11.75 26.83 23.47
C ILE A 95 -10.26 26.58 23.73
N PHE A 96 -9.66 27.30 24.67
CA PHE A 96 -8.25 27.05 24.97
C PHE A 96 -8.04 25.63 25.50
N LEU A 97 -8.93 25.18 26.39
CA LEU A 97 -8.82 23.80 26.87
C LEU A 97 -9.00 22.81 25.73
N ASN A 98 -9.92 23.08 24.80
CA ASN A 98 -10.07 22.18 23.66
C ASN A 98 -8.81 22.14 22.82
N TYR A 99 -8.19 23.30 22.58
CA TYR A 99 -6.96 23.35 21.79
C TYR A 99 -5.85 22.53 22.43
N TYR A 100 -5.64 22.74 23.73
CA TYR A 100 -4.60 22.02 24.46
C TYR A 100 -4.87 20.51 24.47
N ARG A 101 -6.11 20.12 24.75
CA ARG A 101 -6.46 18.71 24.78
C ARG A 101 -6.25 18.06 23.43
N SER A 102 -6.67 18.74 22.37
CA SER A 102 -6.55 18.16 21.03
C SER A 102 -5.10 18.00 20.63
N ILE A 103 -4.26 19.00 20.92
CA ILE A 103 -2.86 18.89 20.51
C ILE A 103 -2.17 17.76 21.29
N LEU A 104 -2.50 17.59 22.58
CA LEU A 104 -1.94 16.47 23.31
C LEU A 104 -2.42 15.13 22.76
N VAL A 105 -3.69 15.04 22.37
CA VAL A 105 -4.19 13.78 21.81
C VAL A 105 -3.50 13.46 20.49
N THR A 106 -3.27 14.47 19.65
CA THR A 106 -2.56 14.25 18.41
C THR A 106 -1.15 13.73 18.67
N LYS A 107 -0.44 14.34 19.62
CA LYS A 107 0.92 13.90 19.92
C LYS A 107 0.93 12.47 20.45
N LEU A 108 -0.01 12.15 21.33
CA LEU A 108 -0.15 10.78 21.82
C LEU A 108 -0.37 9.79 20.69
N GLY A 109 -1.28 10.13 19.77
CA GLY A 109 -1.58 9.23 18.68
C GLY A 109 -0.38 8.97 17.80
N MET A 110 0.34 10.03 17.43
CA MET A 110 1.52 9.82 16.61
C MET A 110 2.56 8.98 17.34
N SER A 111 2.77 9.23 18.63
CA SER A 111 3.79 8.49 19.36
C SER A 111 3.49 6.99 19.37
N ILE A 112 2.27 6.62 19.76
CA ILE A 112 1.93 5.19 19.80
C ILE A 112 1.98 4.58 18.40
N ASP A 113 1.45 5.29 17.41
CA ASP A 113 1.42 4.73 16.05
C ASP A 113 2.83 4.48 15.52
N LYS A 114 3.72 5.44 15.72
CA LYS A 114 5.10 5.27 15.26
C LYS A 114 5.76 4.11 15.98
N SER A 115 5.52 3.98 17.29
CA SER A 115 6.11 2.87 18.03
C SER A 115 5.63 1.53 17.49
N ILE A 116 4.32 1.41 17.23
CA ILE A 116 3.78 0.14 16.75
C ILE A 116 4.37 -0.23 15.39
N MET A 117 4.36 0.74 14.46
CA MET A 117 4.87 0.42 13.13
C MET A 117 6.35 0.06 13.16
N MET A 118 7.14 0.79 13.96
CA MET A 118 8.56 0.48 14.06
C MET A 118 8.78 -0.92 14.63
N GLU A 119 8.04 -1.29 15.67
CA GLU A 119 8.22 -2.62 16.24
C GLU A 119 7.88 -3.69 15.22
N TYR A 120 6.75 -3.52 14.50
CA TYR A 120 6.36 -4.51 13.50
C TYR A 120 7.42 -4.63 12.41
N TYR A 121 7.88 -3.51 11.86
CA TYR A 121 8.85 -3.56 10.77
C TYR A 121 10.17 -4.16 11.21
N SER A 122 10.68 -3.74 12.37
CA SER A 122 11.94 -4.26 12.84
C SER A 122 11.84 -5.74 13.16
N HIS A 123 10.64 -6.23 13.49
CA HIS A 123 10.50 -7.66 13.67
C HIS A 123 10.43 -8.39 12.34
N VAL A 124 9.73 -7.82 11.35
CA VAL A 124 9.62 -8.45 10.04
C VAL A 124 11.00 -8.63 9.41
N LEU A 125 11.88 -7.66 9.62
CA LEU A 125 13.19 -7.74 8.98
C LEU A 125 14.01 -8.91 9.52
N LYS A 126 13.59 -9.51 10.64
CA LYS A 126 14.34 -10.59 11.26
C LYS A 126 13.71 -11.96 11.11
N LEU A 127 12.60 -12.08 10.38
CA LEU A 127 11.95 -13.37 10.23
C LEU A 127 12.78 -14.29 9.33
N PRO A 128 12.69 -15.60 9.50
CA PRO A 128 13.50 -16.50 8.69
C PRO A 128 13.01 -16.53 7.26
N MET A 129 13.87 -17.05 6.38
CA MET A 129 13.53 -17.09 4.96
C MET A 129 12.34 -17.97 4.66
N ASN A 130 11.97 -18.89 5.56
CA ASN A 130 10.78 -19.68 5.33
C ASN A 130 9.54 -18.80 5.27
N PHE A 131 9.57 -17.66 5.96
CA PHE A 131 8.42 -16.78 5.96
C PHE A 131 8.28 -16.03 4.64
N PHE A 132 9.41 -15.58 4.07
CA PHE A 132 9.33 -14.73 2.88
C PHE A 132 9.02 -15.54 1.61
N ASN A 133 9.50 -16.77 1.52
CA ASN A 133 9.19 -17.59 0.36
C ASN A 133 7.79 -18.18 0.41
N SER A 134 7.07 -18.01 1.52
CA SER A 134 5.71 -18.52 1.67
C SER A 134 4.67 -17.44 1.42
N ARG A 135 4.81 -16.30 2.09
CA ARG A 135 3.86 -15.21 1.92
C ARG A 135 4.13 -14.48 0.61
N LYS A 136 3.46 -13.35 0.44
CA LYS A 136 3.63 -12.50 -0.72
C LYS A 136 4.27 -11.18 -0.30
N VAL A 137 4.56 -10.33 -1.27
CA VAL A 137 5.23 -9.06 -1.00
C VAL A 137 4.17 -7.98 -0.91
N GLY A 138 2.91 -8.41 -0.78
CA GLY A 138 1.84 -7.46 -0.62
C GLY A 138 1.11 -7.64 0.69
N GLU A 139 1.09 -8.88 1.17
CA GLU A 139 0.46 -9.16 2.45
C GLU A 139 1.19 -8.45 3.59
N ILE A 140 2.51 -8.50 3.57
CA ILE A 140 3.31 -7.92 4.65
C ILE A 140 3.11 -6.41 4.69
N ILE A 141 3.18 -5.77 3.52
CA ILE A 141 3.05 -4.32 3.45
C ILE A 141 1.62 -3.89 3.73
N SER A 142 0.63 -4.67 3.29
CA SER A 142 -0.75 -4.35 3.62
C SER A 142 -0.97 -4.41 5.12
N ARG A 143 -0.40 -5.42 5.80
CA ARG A 143 -0.51 -5.48 7.25
C ARG A 143 0.17 -4.27 7.89
N PHE A 144 1.32 -3.87 7.37
CA PHE A 144 2.00 -2.69 7.91
C PHE A 144 1.14 -1.44 7.77
N MET A 145 0.55 -1.25 6.60
CA MET A 145 -0.21 -0.03 6.34
C MET A 145 -1.59 -0.06 6.96
N ASP A 146 -2.08 -1.21 7.41
CA ASP A 146 -3.33 -1.28 8.14
C ASP A 146 -3.16 -0.93 9.62
N ALA A 147 -1.98 -0.49 10.04
CA ALA A 147 -1.77 -0.04 11.41
C ALA A 147 -2.18 1.39 11.63
N SER A 148 -2.58 2.11 10.57
CA SER A 148 -3.11 3.46 10.75
C SER A 148 -4.52 3.44 11.34
N LYS A 149 -5.20 2.31 11.31
CA LYS A 149 -6.49 2.20 11.97
C LYS A 149 -6.35 2.41 13.47
N ILE A 150 -5.25 1.94 14.05
CA ILE A 150 -5.01 2.15 15.47
C ILE A 150 -4.82 3.63 15.77
N ARG A 151 -4.10 4.35 14.90
CA ARG A 151 -3.97 5.79 15.09
C ARG A 151 -5.31 6.49 14.96
N GLN A 152 -6.14 6.07 14.02
CA GLN A 152 -7.48 6.65 13.89
C GLN A 152 -8.30 6.42 15.15
N ALA A 153 -8.22 5.21 15.71
CA ALA A 153 -8.93 4.92 16.95
C ALA A 153 -8.43 5.78 18.09
N ILE A 154 -7.11 5.92 18.23
CA ILE A 154 -6.57 6.72 19.31
C ILE A 154 -6.97 8.18 19.17
N SER A 155 -6.94 8.70 17.94
CA SER A 155 -7.31 10.09 17.73
C SER A 155 -8.82 10.32 17.89
N GLY A 156 -9.63 9.30 17.72
CA GLY A 156 -11.07 9.50 17.72
C GLY A 156 -11.81 9.14 18.98
N ALA A 157 -11.38 8.09 19.70
CA ALA A 157 -12.22 7.51 20.73
C ALA A 157 -11.79 7.82 22.15
N THR A 158 -10.55 8.24 22.37
CA THR A 158 -10.05 8.35 23.75
C THR A 158 -10.81 9.43 24.52
N LEU A 159 -11.04 10.59 23.89
CA LEU A 159 -11.71 11.68 24.57
C LEU A 159 -13.13 11.27 24.94
N THR A 160 -13.86 10.72 23.98
CA THR A 160 -15.23 10.32 24.20
C THR A 160 -15.31 9.30 25.31
N ILE A 161 -14.42 8.32 25.30
CA ILE A 161 -14.42 7.31 26.36
C ILE A 161 -14.23 7.97 27.72
N MET A 162 -13.12 8.70 27.89
CA MET A 162 -12.77 9.15 29.23
C MET A 162 -13.81 10.10 29.80
N ILE A 163 -14.33 11.02 28.99
CA ILE A 163 -15.35 11.92 29.51
C ILE A 163 -16.67 11.20 29.72
N ASP A 164 -17.12 10.43 28.73
CA ASP A 164 -18.50 9.98 28.72
C ASP A 164 -18.74 8.85 29.71
N THR A 165 -17.73 8.05 30.05
CA THR A 165 -17.93 7.07 31.11
C THR A 165 -18.32 7.75 32.43
N ILE A 166 -17.51 8.73 32.84
CA ILE A 166 -17.77 9.46 34.08
C ILE A 166 -19.09 10.21 33.98
N MET A 167 -19.34 10.84 32.83
CA MET A 167 -20.57 11.60 32.66
C MET A 167 -21.79 10.69 32.79
N ALA A 168 -21.73 9.50 32.18
CA ALA A 168 -22.86 8.58 32.27
C ALA A 168 -23.08 8.11 33.70
N VAL A 169 -22.01 7.83 34.44
CA VAL A 169 -22.17 7.40 35.83
C VAL A 169 -22.83 8.50 36.66
N ILE A 170 -22.33 9.74 36.50
CA ILE A 170 -22.90 10.84 37.28
C ILE A 170 -24.34 11.10 36.89
N GLY A 171 -24.64 11.03 35.59
CA GLY A 171 -26.02 11.23 35.16
C GLY A 171 -26.95 10.16 35.70
N GLY A 172 -26.47 8.92 35.77
CA GLY A 172 -27.28 7.88 36.37
C GLY A 172 -27.57 8.15 37.83
N ILE A 173 -26.55 8.59 38.58
CA ILE A 173 -26.76 8.90 39.99
C ILE A 173 -27.77 10.03 40.15
N LEU A 174 -27.62 11.08 39.33
CA LEU A 174 -28.54 12.22 39.42
C LEU A 174 -29.96 11.81 39.06
N LEU A 175 -30.13 10.98 38.02
CA LEU A 175 -31.46 10.53 37.65
C LEU A 175 -32.06 9.69 38.77
N TYR A 176 -31.27 8.81 39.39
CA TYR A 176 -31.81 7.99 40.45
C TYR A 176 -32.27 8.84 41.63
N ILE A 177 -31.47 9.84 42.01
CA ILE A 177 -31.88 10.68 43.12
C ILE A 177 -33.07 11.55 42.73
N GLN A 178 -33.24 11.83 41.44
CA GLN A 178 -34.32 12.72 41.02
C GLN A 178 -35.66 11.99 41.00
N ASN A 179 -35.77 10.95 40.18
CA ASN A 179 -37.01 10.18 40.11
C ASN A 179 -36.69 8.73 39.78
N SER A 180 -37.23 7.82 40.58
CA SER A 180 -36.95 6.39 40.41
C SER A 180 -37.96 5.68 39.51
N SER A 181 -39.02 6.36 39.09
CA SER A 181 -40.03 5.70 38.26
C SER A 181 -39.54 5.51 36.84
N LEU A 182 -38.94 6.55 36.25
CA LEU A 182 -38.49 6.49 34.86
C LEU A 182 -37.03 6.08 34.71
N PHE A 183 -36.26 6.10 35.80
CA PHE A 183 -34.91 5.60 35.72
C PHE A 183 -34.89 4.13 35.33
N PHE A 184 -35.93 3.38 35.67
CA PHE A 184 -35.97 1.98 35.28
C PHE A 184 -36.18 1.83 33.78
N ILE A 185 -37.00 2.69 33.18
CA ILE A 185 -37.14 2.65 31.73
C ILE A 185 -35.84 3.04 31.06
N SER A 186 -35.13 4.00 31.64
CA SER A 186 -33.82 4.36 31.10
C SER A 186 -32.84 3.19 31.21
N PHE A 187 -32.89 2.46 32.32
CA PHE A 187 -32.05 1.27 32.47
C PHE A 187 -32.43 0.21 31.44
N ILE A 188 -33.72 0.09 31.13
CA ILE A 188 -34.13 -0.82 30.06
C ILE A 188 -33.49 -0.41 28.74
N ILE A 189 -33.45 0.89 28.46
CA ILE A 189 -32.82 1.36 27.23
C ILE A 189 -31.35 1.00 27.20
N ILE A 190 -30.65 1.18 28.33
CA ILE A 190 -29.24 0.81 28.38
C ILE A 190 -29.08 -0.69 28.13
N LEU A 191 -29.98 -1.48 28.70
CA LEU A 191 -29.91 -2.93 28.50
C LEU A 191 -30.09 -3.30 27.04
N LEU A 192 -30.99 -2.61 26.34
CA LEU A 192 -31.15 -2.87 24.91
C LEU A 192 -29.89 -2.51 24.13
N TYR A 193 -29.25 -1.37 24.45
CA TYR A 193 -27.96 -1.09 23.85
C TYR A 193 -26.98 -2.23 24.09
N GLY A 194 -26.93 -2.74 25.32
CA GLY A 194 -25.99 -3.81 25.62
C GLY A 194 -26.26 -5.06 24.79
N ILE A 195 -27.53 -5.44 24.66
CA ILE A 195 -27.87 -6.62 23.88
C ILE A 195 -27.51 -6.41 22.41
N ILE A 196 -27.80 -5.23 21.87
CA ILE A 196 -27.48 -4.97 20.47
C ILE A 196 -25.99 -5.04 20.23
N VAL A 197 -25.19 -4.44 21.12
CA VAL A 197 -23.74 -4.49 20.98
C VAL A 197 -23.25 -5.93 21.05
N THR A 198 -23.77 -6.71 21.99
CA THR A 198 -23.31 -8.09 22.11
C THR A 198 -23.65 -8.89 20.87
N VAL A 199 -24.85 -8.70 20.32
CA VAL A 199 -25.25 -9.46 19.14
C VAL A 199 -24.38 -9.07 17.94
N PHE A 200 -24.09 -7.79 17.78
CA PHE A 200 -23.32 -7.33 16.62
C PHE A 200 -21.82 -7.35 16.83
N ASN A 201 -21.35 -7.83 17.98
CA ASN A 201 -19.91 -7.90 18.22
C ASN A 201 -19.19 -8.76 17.19
N LYS A 202 -19.67 -9.98 16.98
CA LYS A 202 -18.93 -10.97 16.19
C LYS A 202 -19.01 -10.75 14.69
N PRO A 203 -20.18 -10.52 14.11
CA PRO A 203 -20.22 -10.26 12.66
C PRO A 203 -19.40 -9.07 12.23
N ILE A 204 -19.25 -8.05 13.07
CA ILE A 204 -18.40 -6.92 12.68
C ILE A 204 -16.95 -7.36 12.57
N GLN A 205 -16.48 -8.18 13.51
CA GLN A 205 -15.12 -8.71 13.39
C GLN A 205 -14.97 -9.57 12.14
N ASN A 206 -15.97 -10.41 11.85
CA ASN A 206 -15.88 -11.24 10.65
C ASN A 206 -15.77 -10.38 9.40
N ALA A 207 -16.62 -9.35 9.30
CA ALA A 207 -16.60 -8.49 8.13
C ALA A 207 -15.27 -7.74 8.02
N ASN A 208 -14.76 -7.23 9.13
CA ASN A 208 -13.49 -6.52 9.09
C ASN A 208 -12.36 -7.44 8.67
N ARG A 209 -12.30 -8.65 9.23
CA ARG A 209 -11.24 -9.57 8.83
C ARG A 209 -11.33 -9.88 7.34
N GLN A 210 -12.55 -10.09 6.84
CA GLN A 210 -12.71 -10.40 5.42
C GLN A 210 -12.23 -9.25 4.54
N ILE A 211 -12.60 -8.02 4.90
CA ILE A 211 -12.21 -6.89 4.04
C ILE A 211 -10.71 -6.68 4.10
N MET A 212 -10.08 -6.85 5.27
CA MET A 212 -8.63 -6.71 5.33
C MET A 212 -7.94 -7.77 4.49
N GLU A 213 -8.43 -9.02 4.53
CA GLU A 213 -7.80 -10.06 3.73
C GLU A 213 -7.96 -9.79 2.24
N ASP A 214 -9.13 -9.31 1.82
CA ASP A 214 -9.32 -9.00 0.41
C ASP A 214 -8.44 -7.83 -0.03
N ASN A 215 -8.28 -6.81 0.82
CA ASN A 215 -7.35 -5.73 0.49
C ASN A 215 -5.91 -6.23 0.39
N ALA A 216 -5.53 -7.16 1.27
CA ALA A 216 -4.17 -7.71 1.17
C ALA A 216 -3.97 -8.42 -0.16
N LYS A 217 -4.96 -9.21 -0.57
CA LYS A 217 -4.86 -9.89 -1.86
C LYS A 217 -4.76 -8.88 -3.01
N LEU A 218 -5.59 -7.83 -2.97
CA LEU A 218 -5.57 -6.85 -4.05
C LEU A 218 -4.23 -6.11 -4.11
N THR A 219 -3.70 -5.69 -2.96
CA THR A 219 -2.43 -4.97 -2.97
C THR A 219 -1.30 -5.86 -3.45
N SER A 220 -1.30 -7.12 -3.04
CA SER A 220 -0.28 -8.04 -3.54
C SER A 220 -0.38 -8.18 -5.05
N ALA A 221 -1.60 -8.25 -5.59
CA ALA A 221 -1.74 -8.35 -7.03
C ALA A 221 -1.22 -7.10 -7.72
N LEU A 222 -1.49 -5.93 -7.16
CA LEU A 222 -0.99 -4.69 -7.76
C LEU A 222 0.53 -4.68 -7.79
N VAL A 223 1.16 -5.05 -6.67
CA VAL A 223 2.61 -5.02 -6.60
C VAL A 223 3.21 -6.03 -7.58
N GLU A 224 2.56 -7.19 -7.72
CA GLU A 224 3.07 -8.20 -8.64
C GLU A 224 2.89 -7.79 -10.10
N SER A 225 1.82 -7.06 -10.42
CA SER A 225 1.60 -6.65 -11.80
C SER A 225 2.63 -5.64 -12.26
N VAL A 226 2.86 -4.59 -11.47
CA VAL A 226 3.95 -3.67 -11.70
C VAL A 226 5.22 -4.44 -11.32
N LYS A 227 6.39 -3.94 -11.68
CA LYS A 227 7.66 -4.65 -11.52
C LYS A 227 7.53 -6.09 -11.98
N GLY A 228 7.36 -6.20 -13.29
CA GLY A 228 6.88 -7.40 -13.94
C GLY A 228 6.10 -6.98 -15.15
N ILE A 229 5.94 -5.66 -15.29
CA ILE A 229 5.26 -5.08 -16.44
C ILE A 229 6.00 -5.36 -17.75
N GLU A 230 7.31 -5.62 -17.68
CA GLU A 230 8.04 -6.03 -18.89
C GLU A 230 7.40 -7.25 -19.54
N THR A 231 7.19 -8.30 -18.75
CA THR A 231 6.63 -9.53 -19.30
C THR A 231 5.21 -9.31 -19.80
N ILE A 232 4.41 -8.55 -19.06
CA ILE A 232 3.03 -8.29 -19.46
C ILE A 232 3.00 -7.57 -20.81
N LYS A 233 3.81 -6.52 -20.95
CA LYS A 233 3.85 -5.81 -22.23
C LYS A 233 4.36 -6.70 -23.34
N SER A 234 5.41 -7.49 -23.06
CA SER A 234 6.01 -8.31 -24.10
C SER A 234 5.05 -9.36 -24.62
N PHE A 235 4.27 -9.97 -23.73
CA PHE A 235 3.34 -11.01 -24.13
C PHE A 235 1.95 -10.48 -24.43
N GLY A 236 1.76 -9.17 -24.41
CA GLY A 236 0.47 -8.59 -24.74
C GLY A 236 -0.63 -9.00 -23.79
N ALA A 237 -0.34 -9.04 -22.50
CA ALA A 237 -1.30 -9.48 -21.49
C ALA A 237 -1.87 -8.31 -20.71
N GLU A 238 -1.97 -7.14 -21.32
CA GLU A 238 -2.50 -5.99 -20.60
C GLU A 238 -3.99 -6.14 -20.30
N GLU A 239 -4.68 -7.05 -20.98
CA GLU A 239 -6.11 -7.22 -20.74
C GLU A 239 -6.40 -8.31 -19.71
N GLN A 240 -5.67 -9.43 -19.78
CA GLN A 240 -5.88 -10.51 -18.80
C GLN A 240 -5.54 -10.03 -17.40
N THR A 241 -4.44 -9.27 -17.27
CA THR A 241 -4.10 -8.68 -15.98
C THR A 241 -5.18 -7.71 -15.53
N GLU A 242 -5.71 -6.92 -16.45
CA GLU A 242 -6.81 -6.03 -16.13
C GLU A 242 -8.01 -6.81 -15.61
N LYS A 243 -8.32 -7.93 -16.26
CA LYS A 243 -9.47 -8.72 -15.85
C LYS A 243 -9.27 -9.31 -14.46
N SER A 244 -8.09 -9.85 -14.18
CA SER A 244 -7.84 -10.42 -12.86
C SER A 244 -7.91 -9.35 -11.78
N THR A 245 -7.31 -8.18 -12.03
CA THR A 245 -7.38 -7.11 -11.05
C THR A 245 -8.81 -6.61 -10.87
N ARG A 246 -9.60 -6.61 -11.95
CA ARG A 246 -10.99 -6.22 -11.82
C ARG A 246 -11.75 -7.20 -10.94
N ASP A 247 -11.49 -8.50 -11.10
CA ASP A 247 -12.15 -9.47 -10.24
C ASP A 247 -11.77 -9.26 -8.78
N LYS A 248 -10.49 -8.97 -8.52
CA LYS A 248 -10.06 -8.73 -7.15
C LYS A 248 -10.70 -7.47 -6.58
N ILE A 249 -10.82 -6.42 -7.38
CA ILE A 249 -11.48 -5.21 -6.90
C ILE A 249 -12.96 -5.47 -6.66
N GLU A 250 -13.59 -6.30 -7.48
CA GLU A 250 -14.99 -6.63 -7.24
C GLU A 250 -15.16 -7.41 -5.95
N THR A 251 -14.24 -8.32 -5.64
CA THR A 251 -14.31 -9.02 -4.36
C THR A 251 -14.13 -8.06 -3.19
N VAL A 252 -13.19 -7.12 -3.31
CA VAL A 252 -13.03 -6.13 -2.25
C VAL A 252 -14.30 -5.31 -2.08
N MET A 253 -14.94 -4.94 -3.19
CA MET A 253 -16.17 -4.16 -3.09
C MET A 253 -17.31 -4.98 -2.47
N LYS A 254 -17.36 -6.29 -2.75
CA LYS A 254 -18.38 -7.12 -2.11
C LYS A 254 -18.20 -7.16 -0.60
N SER A 255 -16.96 -7.38 -0.14
CA SER A 255 -16.73 -7.40 1.30
C SER A 255 -17.01 -6.03 1.92
N SER A 256 -16.63 -4.97 1.21
CA SER A 256 -16.90 -3.62 1.70
C SER A 256 -18.39 -3.35 1.81
N PHE A 257 -19.17 -3.83 0.83
CA PHE A 257 -20.62 -3.65 0.89
C PHE A 257 -21.23 -4.44 2.02
N LYS A 258 -20.76 -5.67 2.27
CA LYS A 258 -21.28 -6.41 3.41
C LYS A 258 -20.99 -5.68 4.71
N GLU A 259 -19.78 -5.15 4.87
CA GLU A 259 -19.46 -4.41 6.08
C GLU A 259 -20.31 -3.15 6.21
N GLY A 260 -20.51 -2.43 5.10
CA GLY A 260 -21.33 -1.23 5.15
C GLY A 260 -22.78 -1.53 5.51
N MET A 261 -23.34 -2.59 4.94
CA MET A 261 -24.69 -3.00 5.29
C MET A 261 -24.80 -3.37 6.76
N LEU A 262 -23.79 -4.09 7.27
CA LEU A 262 -23.82 -4.44 8.69
C LEU A 262 -23.78 -3.20 9.56
N TYR A 263 -22.93 -2.24 9.22
CA TYR A 263 -22.86 -1.01 10.00
C TYR A 263 -24.19 -0.25 9.95
N ILE A 264 -24.83 -0.19 8.78
CA ILE A 264 -26.09 0.53 8.68
C ILE A 264 -27.18 -0.17 9.46
N ASN A 265 -27.20 -1.50 9.46
CA ASN A 265 -28.18 -2.21 10.28
C ASN A 265 -27.96 -1.93 11.76
N LEU A 266 -26.71 -1.96 12.20
CA LEU A 266 -26.42 -1.65 13.60
C LEU A 266 -26.87 -0.23 13.95
N SER A 267 -26.54 0.74 13.10
CA SER A 267 -26.89 2.12 13.39
C SER A 267 -28.39 2.32 13.39
N SER A 268 -29.10 1.65 12.50
CA SER A 268 -30.55 1.77 12.48
C SER A 268 -31.18 1.18 13.74
N LEU A 269 -30.70 0.01 14.19
CA LEU A 269 -31.25 -0.54 15.42
C LEU A 269 -30.98 0.37 16.61
N THR A 270 -29.76 0.90 16.71
CA THR A 270 -29.45 1.82 17.80
C THR A 270 -30.32 3.07 17.74
N GLY A 271 -30.51 3.62 16.54
CA GLY A 271 -31.35 4.81 16.41
C GLY A 271 -32.79 4.53 16.78
N ILE A 272 -33.33 3.38 16.36
CA ILE A 272 -34.69 3.03 16.74
C ILE A 272 -34.82 2.93 18.24
N VAL A 273 -33.88 2.24 18.89
CA VAL A 273 -33.96 2.08 20.34
C VAL A 273 -33.89 3.45 21.02
N ALA A 274 -32.97 4.30 20.58
CA ALA A 274 -32.81 5.61 21.21
C ALA A 274 -34.07 6.46 21.06
N GLY A 275 -34.55 6.62 19.82
CA GLY A 275 -35.70 7.48 19.60
C GLY A 275 -36.95 6.97 20.26
N LEU A 276 -37.24 5.68 20.10
CA LEU A 276 -38.42 5.12 20.74
C LEU A 276 -38.30 5.17 22.25
N GLY A 277 -37.08 5.04 22.79
CA GLY A 277 -36.92 5.18 24.23
C GLY A 277 -37.21 6.59 24.72
N GLY A 278 -36.74 7.59 23.98
CA GLY A 278 -37.07 8.96 24.34
C GLY A 278 -38.58 9.20 24.30
N ILE A 279 -39.22 8.74 23.24
CA ILE A 279 -40.67 8.93 23.13
C ILE A 279 -41.39 8.18 24.24
N VAL A 280 -40.92 6.98 24.60
CA VAL A 280 -41.56 6.20 25.63
C VAL A 280 -41.40 6.84 27.00
N ILE A 281 -40.21 7.40 27.27
CA ILE A 281 -40.03 8.12 28.53
C ILE A 281 -40.97 9.32 28.60
N LEU A 282 -41.09 10.06 27.50
CA LEU A 282 -42.01 11.19 27.51
C LEU A 282 -43.45 10.73 27.70
N TRP A 283 -43.84 9.65 27.04
CA TRP A 283 -45.18 9.09 27.18
C TRP A 283 -45.46 8.69 28.62
N ALA A 284 -44.53 7.96 29.23
CA ALA A 284 -44.70 7.51 30.60
C ALA A 284 -44.76 8.68 31.56
N GLY A 285 -43.91 9.69 31.35
CA GLY A 285 -43.96 10.87 32.19
C GLY A 285 -45.27 11.62 32.06
N ALA A 286 -45.77 11.75 30.82
CA ALA A 286 -47.05 12.41 30.62
C ALA A 286 -48.17 11.66 31.32
N TYR A 287 -48.19 10.33 31.18
CA TYR A 287 -49.20 9.54 31.86
C TYR A 287 -49.08 9.66 33.37
N ASN A 288 -47.85 9.74 33.88
CA ASN A 288 -47.66 9.90 35.30
C ASN A 288 -48.21 11.25 35.76
N VAL A 289 -47.97 12.30 34.98
CA VAL A 289 -48.40 13.64 35.36
C VAL A 289 -49.91 13.78 35.31
N ILE A 290 -50.55 13.15 34.32
CA ILE A 290 -52.01 13.22 34.22
C ILE A 290 -52.65 12.70 35.51
N LYS A 291 -52.13 11.61 36.05
CA LYS A 291 -52.67 11.09 37.29
C LYS A 291 -52.12 11.92 38.46
N GLY A 292 -52.62 11.65 39.66
CA GLY A 292 -52.26 12.43 40.82
C GLY A 292 -50.85 12.19 41.30
N ASN A 293 -49.88 12.42 40.42
CA ASN A 293 -48.48 12.12 40.70
C ASN A 293 -47.61 13.34 40.44
N MET A 294 -46.29 13.13 40.34
CA MET A 294 -45.30 14.18 40.17
C MET A 294 -45.73 15.23 39.15
N SER A 295 -45.37 16.49 39.41
CA SER A 295 -45.83 17.59 38.58
C SER A 295 -44.98 17.69 37.30
N GLY A 296 -45.44 18.54 36.39
CA GLY A 296 -44.76 18.69 35.11
C GLY A 296 -43.34 19.18 35.25
N GLY A 297 -43.09 20.03 36.25
CA GLY A 297 -41.74 20.51 36.48
C GLY A 297 -40.77 19.38 36.76
N GLN A 298 -41.23 18.36 37.48
CA GLN A 298 -40.40 17.18 37.68
C GLN A 298 -40.06 16.53 36.35
N LEU A 299 -41.03 16.47 35.44
CA LEU A 299 -40.77 15.89 34.13
C LEU A 299 -39.75 16.71 33.35
N LEU A 300 -39.85 18.03 33.41
CA LEU A 300 -38.87 18.87 32.72
C LEU A 300 -37.48 18.69 33.30
N ALA A 301 -37.37 18.60 34.63
CA ALA A 301 -36.08 18.33 35.24
C ALA A 301 -35.52 16.99 34.80
N PHE A 302 -36.38 15.97 34.76
CA PHE A 302 -35.95 14.65 34.31
C PHE A 302 -35.48 14.67 32.87
N ASN A 303 -36.22 15.37 32.01
CA ASN A 303 -35.83 15.47 30.60
C ASN A 303 -34.50 16.19 30.45
N ALA A 304 -34.28 17.24 31.25
CA ALA A 304 -33.01 17.94 31.20
C ALA A 304 -31.87 17.03 31.65
N LEU A 305 -32.09 16.26 32.71
CA LEU A 305 -31.04 15.36 33.20
C LEU A 305 -30.79 14.22 32.22
N LEU A 306 -31.79 13.87 31.42
CA LEU A 306 -31.64 12.76 30.47
C LEU A 306 -30.58 13.04 29.42
N ALA A 307 -30.30 14.31 29.12
CA ALA A 307 -29.24 14.63 28.17
C ALA A 307 -27.86 14.35 28.76
N TYR A 308 -27.77 14.13 30.07
CA TYR A 308 -26.51 13.81 30.71
C TYR A 308 -26.28 12.32 30.88
N PHE A 309 -27.26 11.48 30.55
CA PHE A 309 -27.12 10.04 30.71
C PHE A 309 -27.21 9.30 29.38
N LEU A 310 -28.29 9.49 28.61
CA LEU A 310 -28.45 8.72 27.38
C LEU A 310 -27.51 9.20 26.28
N THR A 311 -27.39 10.51 26.10
CA THR A 311 -26.48 11.00 25.06
C THR A 311 -25.04 10.56 25.28
N PRO A 312 -24.46 10.62 26.49
CA PRO A 312 -23.10 10.07 26.65
C PRO A 312 -23.02 8.58 26.40
N VAL A 313 -23.93 7.79 26.99
CA VAL A 313 -23.83 6.34 26.87
C VAL A 313 -24.04 5.89 25.43
N LYS A 314 -24.84 6.63 24.66
CA LYS A 314 -24.98 6.30 23.25
C LYS A 314 -23.69 6.60 22.49
N ASN A 315 -22.92 7.58 22.96
CA ASN A 315 -21.67 7.92 22.28
C ASN A 315 -20.66 6.78 22.36
N LEU A 316 -20.63 6.07 23.49
CA LEU A 316 -19.77 4.89 23.57
C LEU A 316 -20.20 3.82 22.58
N ILE A 317 -21.50 3.57 22.47
CA ILE A 317 -21.99 2.54 21.56
C ILE A 317 -21.65 2.89 20.13
N ASP A 318 -21.72 4.18 19.79
CA ASP A 318 -21.33 4.60 18.46
C ASP A 318 -19.87 4.35 18.16
N LEU A 319 -19.05 4.09 19.17
CA LEU A 319 -17.65 3.72 18.98
C LEU A 319 -17.45 2.23 18.74
N GLN A 320 -18.52 1.44 18.74
CA GLN A 320 -18.34 0.01 18.53
C GLN A 320 -17.69 -0.32 17.20
N PRO A 321 -18.13 0.20 16.04
CA PRO A 321 -17.51 -0.20 14.78
C PRO A 321 -16.05 0.21 14.71
N LEU A 322 -15.80 1.50 14.93
CA LEU A 322 -14.45 2.04 14.81
C LEU A 322 -13.45 1.24 15.65
N ILE A 323 -13.75 1.08 16.93
CA ILE A 323 -12.85 0.36 17.82
C ILE A 323 -12.59 -1.04 17.28
N GLN A 324 -13.63 -1.70 16.77
CA GLN A 324 -13.44 -3.06 16.25
C GLN A 324 -12.45 -3.08 15.11
N THR A 325 -12.55 -2.11 14.18
CA THR A 325 -11.60 -2.07 13.09
C THR A 325 -10.19 -1.81 13.59
N ALA A 326 -10.04 -1.20 14.76
CA ALA A 326 -8.71 -1.07 15.34
C ALA A 326 -8.25 -2.37 15.97
N VAL A 327 -9.17 -3.16 16.54
CA VAL A 327 -8.76 -4.40 17.19
C VAL A 327 -8.30 -5.40 16.14
N VAL A 328 -9.07 -5.58 15.07
CA VAL A 328 -8.74 -6.58 14.07
C VAL A 328 -7.37 -6.30 13.48
N ALA A 329 -7.10 -5.04 13.14
CA ALA A 329 -5.77 -4.68 12.67
C ALA A 329 -4.72 -5.06 13.70
N SER A 330 -4.96 -4.71 14.96
CA SER A 330 -4.00 -5.05 16.01
C SER A 330 -3.88 -6.56 16.20
N ASN A 331 -4.89 -7.33 15.77
CA ASN A 331 -4.73 -8.77 15.77
C ASN A 331 -3.86 -9.23 14.61
N ARG A 332 -4.03 -8.62 13.43
CA ARG A 332 -3.26 -9.04 12.27
C ARG A 332 -1.77 -8.87 12.52
N LEU A 333 -1.36 -7.67 12.95
CA LEU A 333 0.03 -7.46 13.36
C LEU A 333 0.46 -8.51 14.36
N GLY A 334 -0.43 -8.85 15.30
CA GLY A 334 -0.07 -9.84 16.29
C GLY A 334 0.34 -11.15 15.66
N GLU A 335 -0.44 -11.63 14.68
CA GLU A 335 -0.07 -12.93 14.16
C GLU A 335 1.14 -12.87 13.24
N ILE A 336 1.83 -11.74 13.15
CA ILE A 336 3.14 -11.69 12.53
C ILE A 336 4.19 -11.63 13.62
N LEU A 337 3.89 -10.90 14.71
CA LEU A 337 4.89 -10.72 15.75
C LEU A 337 5.15 -12.01 16.52
N GLU A 338 4.13 -12.86 16.68
CA GLU A 338 4.31 -14.08 17.45
C GLU A 338 5.22 -15.08 16.73
N LEU A 339 5.49 -14.86 15.44
CA LEU A 339 6.35 -15.77 14.70
C LEU A 339 7.77 -15.72 15.23
N ALA A 340 8.41 -16.88 15.30
CA ALA A 340 9.76 -16.97 15.84
C ALA A 340 10.76 -16.37 14.87
N THR A 341 11.65 -15.53 15.39
CA THR A 341 12.63 -14.86 14.53
C THR A 341 13.76 -15.81 14.17
N GLU A 342 14.66 -15.32 13.31
CA GLU A 342 15.80 -16.14 12.89
C GLU A 342 16.77 -16.38 14.03
N LYS A 343 17.03 -15.36 14.84
CA LYS A 343 18.01 -15.49 15.91
C LYS A 343 17.51 -16.38 17.05
N GLU A 344 16.20 -16.53 17.18
CA GLU A 344 15.61 -17.28 18.29
C GLU A 344 15.52 -18.77 18.02
N LEU A 345 15.92 -19.24 16.86
CA LEU A 345 15.78 -20.65 16.50
C LEU A 345 17.12 -21.39 16.56
N ARG A 346 18.02 -20.94 17.43
CA ARG A 346 19.34 -21.53 17.50
C ARG A 346 20.00 -21.07 18.80
N GLU A 347 21.11 -21.71 19.14
CA GLU A 347 21.88 -21.39 20.33
C GLU A 347 23.23 -20.81 19.92
N ASP A 348 23.68 -19.79 20.65
CA ASP A 348 24.93 -19.10 20.35
C ASP A 348 26.07 -19.72 21.15
N SER A 349 27.15 -20.05 20.45
CA SER A 349 28.35 -20.59 21.09
C SER A 349 29.59 -19.90 20.53
N ASP A 350 29.57 -18.57 20.48
CA ASP A 350 30.67 -17.81 19.89
C ASP A 350 32.00 -18.19 20.52
N ASP A 351 32.08 -18.13 21.84
CA ASP A 351 33.30 -18.45 22.57
C ASP A 351 34.48 -17.66 22.02
N PHE A 352 35.30 -18.31 21.17
CA PHE A 352 36.48 -17.67 20.63
C PHE A 352 36.62 -17.77 19.12
N VAL A 353 35.73 -18.49 18.45
CA VAL A 353 35.84 -18.67 17.00
C VAL A 353 35.38 -17.40 16.30
N ILE A 354 36.30 -16.80 15.52
CA ILE A 354 35.98 -15.60 14.75
C ILE A 354 36.53 -15.75 13.34
N SER A 355 36.94 -16.96 12.97
CA SER A 355 37.58 -17.19 11.69
C SER A 355 37.00 -18.44 11.05
N LEU A 356 36.44 -18.30 9.85
CA LEU A 356 35.94 -19.43 9.08
C LEU A 356 36.99 -19.93 8.10
N LYS A 357 38.17 -20.27 8.62
CA LYS A 357 39.33 -20.54 7.77
C LYS A 357 39.29 -21.98 7.26
N GLY A 358 38.44 -22.18 6.26
CA GLY A 358 38.45 -23.40 5.48
C GLY A 358 38.13 -24.66 6.27
N ASP A 359 38.56 -25.78 5.68
CA ASP A 359 38.32 -27.13 6.22
C ASP A 359 36.82 -27.40 6.38
N ILE A 360 36.03 -27.01 5.39
CA ILE A 360 34.59 -27.23 5.43
C ILE A 360 34.31 -28.72 5.30
N GLU A 361 33.29 -29.20 6.00
CA GLU A 361 32.91 -30.60 5.93
C GLU A 361 31.39 -30.72 5.96
N PHE A 362 30.83 -31.29 4.90
CA PHE A 362 29.42 -31.66 4.86
C PHE A 362 29.32 -33.11 5.33
N ARG A 363 29.07 -33.30 6.62
CA ARG A 363 28.79 -34.63 7.15
C ARG A 363 27.41 -35.08 6.69
N ASN A 364 27.04 -36.31 7.05
CA ASN A 364 25.79 -36.88 6.58
C ASN A 364 24.60 -35.97 6.87
N VAL A 365 24.01 -35.44 5.82
CA VAL A 365 22.98 -34.40 5.92
C VAL A 365 21.89 -34.70 4.90
N ASP A 366 20.64 -34.55 5.32
CA ASP A 366 19.50 -34.63 4.43
C ASP A 366 18.66 -33.38 4.65
N PHE A 367 18.40 -32.65 3.56
CA PHE A 367 17.61 -31.43 3.63
C PHE A 367 16.39 -31.57 2.74
N ARG A 368 15.23 -31.26 3.30
CA ARG A 368 13.97 -31.21 2.57
C ARG A 368 13.45 -29.78 2.65
N TYR A 369 12.82 -29.32 1.59
CA TYR A 369 12.18 -28.02 1.64
C TYR A 369 10.86 -28.18 2.39
N GLY A 370 9.98 -27.18 2.30
CA GLY A 370 8.78 -27.14 3.10
C GLY A 370 8.03 -28.45 3.21
N LEU A 371 7.45 -28.92 2.09
CA LEU A 371 6.79 -30.22 2.08
C LEU A 371 6.97 -31.00 0.78
N ARG A 372 7.75 -30.50 -0.17
CA ARG A 372 7.72 -31.05 -1.52
C ARG A 372 8.17 -32.50 -1.60
N LYS A 373 9.46 -32.74 -1.38
CA LYS A 373 10.27 -33.94 -1.63
C LYS A 373 11.64 -33.77 -0.99
N PRO A 374 12.38 -34.85 -0.78
CA PRO A 374 13.78 -34.70 -0.35
C PRO A 374 14.71 -34.46 -1.53
N VAL A 375 15.35 -33.28 -1.55
CA VAL A 375 16.22 -32.92 -2.66
C VAL A 375 17.69 -33.23 -2.39
N LEU A 376 18.08 -33.38 -1.13
CA LEU A 376 19.45 -33.71 -0.76
C LEU A 376 19.44 -34.98 0.08
N LYS A 377 19.98 -36.06 -0.48
CA LYS A 377 20.12 -37.31 0.26
C LYS A 377 21.38 -37.23 1.11
N ASN A 378 21.80 -38.38 1.65
CA ASN A 378 22.97 -38.41 2.51
C ASN A 378 24.20 -37.90 1.78
N ILE A 379 24.80 -36.84 2.30
CA ILE A 379 25.89 -36.12 1.65
C ILE A 379 27.11 -36.16 2.57
N ASN A 380 28.25 -36.55 2.02
CA ASN A 380 29.51 -36.53 2.75
C ASN A 380 30.57 -35.95 1.83
N LEU A 381 31.10 -34.78 2.17
CA LEU A 381 32.16 -34.18 1.37
C LEU A 381 33.02 -33.30 2.25
N THR A 382 34.23 -33.01 1.77
CA THR A 382 35.16 -32.13 2.47
C THR A 382 35.74 -31.14 1.48
N ILE A 383 35.83 -29.89 1.90
CA ILE A 383 36.44 -28.81 1.12
C ILE A 383 37.66 -28.33 1.88
N PRO A 384 38.84 -28.29 1.27
CA PRO A 384 40.07 -27.99 2.03
C PRO A 384 40.11 -26.58 2.57
N LYS A 385 41.20 -26.25 3.28
CA LYS A 385 41.31 -24.95 3.92
C LYS A 385 41.30 -23.82 2.89
N GLY A 386 42.05 -24.00 1.81
CA GLY A 386 42.06 -23.00 0.77
C GLY A 386 41.55 -23.56 -0.54
N LYS A 387 42.32 -23.35 -1.61
CA LYS A 387 42.04 -23.91 -2.93
C LYS A 387 40.74 -23.36 -3.51
N THR A 388 40.51 -23.61 -4.79
CA THR A 388 39.27 -23.24 -5.46
C THR A 388 38.58 -24.54 -5.86
N VAL A 389 37.35 -24.72 -5.40
CA VAL A 389 36.61 -25.96 -5.63
C VAL A 389 35.33 -25.64 -6.38
N ALA A 390 34.86 -26.61 -7.17
CA ALA A 390 33.71 -26.41 -8.03
C ALA A 390 32.73 -27.57 -7.88
N ILE A 391 31.45 -27.24 -8.01
CA ILE A 391 30.36 -28.21 -7.91
C ILE A 391 29.57 -28.17 -9.21
N VAL A 392 29.32 -29.35 -9.78
CA VAL A 392 28.60 -29.47 -11.04
C VAL A 392 27.44 -30.44 -10.86
N GLY A 393 26.46 -30.30 -11.74
CA GLY A 393 25.29 -31.17 -11.73
C GLY A 393 24.16 -30.59 -12.53
N GLU A 394 23.27 -31.44 -13.04
CA GLU A 394 22.17 -30.98 -13.85
C GLU A 394 21.20 -30.15 -13.01
N SER A 395 20.30 -29.45 -13.70
CA SER A 395 19.35 -28.59 -13.02
C SER A 395 18.50 -29.38 -12.03
N GLY A 396 18.31 -28.82 -10.85
CA GLY A 396 17.58 -29.48 -9.80
C GLY A 396 18.41 -30.33 -8.87
N SER A 397 19.70 -30.49 -9.13
CA SER A 397 20.54 -31.30 -8.25
C SER A 397 20.61 -30.70 -6.86
N GLY A 398 20.75 -29.38 -6.75
CA GLY A 398 20.73 -28.73 -5.45
C GLY A 398 21.99 -27.97 -5.11
N LYS A 399 22.70 -27.46 -6.12
CA LYS A 399 23.92 -26.71 -5.87
C LYS A 399 23.63 -25.41 -5.13
N THR A 400 22.68 -24.63 -5.64
CA THR A 400 22.27 -23.42 -4.94
C THR A 400 21.76 -23.75 -3.55
N THR A 401 21.17 -24.93 -3.37
CA THR A 401 20.73 -25.34 -2.05
C THR A 401 21.91 -25.50 -1.11
N LEU A 402 23.00 -26.11 -1.56
CA LEU A 402 24.19 -26.21 -0.73
C LEU A 402 24.74 -24.83 -0.40
N ALA A 403 24.78 -23.94 -1.39
CA ALA A 403 25.27 -22.59 -1.14
C ALA A 403 24.42 -21.88 -0.10
N LYS A 404 23.10 -22.01 -0.18
CA LYS A 404 22.24 -21.39 0.80
C LYS A 404 22.39 -22.05 2.16
N LEU A 405 22.66 -23.35 2.19
CA LEU A 405 22.90 -24.03 3.46
C LEU A 405 24.14 -23.49 4.17
N LEU A 406 25.21 -23.23 3.41
CA LEU A 406 26.41 -22.67 4.03
C LEU A 406 26.17 -21.30 4.63
N MET A 407 25.24 -20.52 4.10
CA MET A 407 24.88 -19.24 4.68
C MET A 407 23.89 -19.36 5.82
N ASN A 408 23.40 -20.57 6.08
CA ASN A 408 22.33 -20.81 7.04
C ASN A 408 21.13 -19.92 6.71
N PHE A 409 20.52 -20.14 5.55
CA PHE A 409 19.21 -19.55 5.27
C PHE A 409 18.12 -20.50 5.73
N TYR A 410 18.34 -21.79 5.57
CA TYR A 410 17.46 -22.83 6.07
C TYR A 410 18.31 -23.84 6.83
N SER A 411 17.83 -24.25 7.99
CA SER A 411 18.72 -25.19 8.66
C SER A 411 18.47 -26.61 8.17
N PRO A 412 19.51 -27.43 8.11
CA PRO A 412 19.33 -28.80 7.63
C PRO A 412 18.37 -29.58 8.51
N GLU A 413 17.54 -30.41 7.88
CA GLU A 413 16.55 -31.18 8.62
C GLU A 413 17.22 -32.19 9.54
N LYS A 414 18.27 -32.85 9.07
CA LYS A 414 18.95 -33.87 9.85
C LYS A 414 20.41 -33.88 9.44
N GLY A 415 21.30 -33.66 10.41
CA GLY A 415 22.72 -33.66 10.15
C GLY A 415 23.36 -32.40 10.67
N ASP A 416 24.54 -32.08 10.14
CA ASP A 416 25.27 -30.91 10.56
C ASP A 416 26.26 -30.52 9.47
N ILE A 417 26.63 -29.25 9.47
CA ILE A 417 27.66 -28.71 8.58
C ILE A 417 28.76 -28.12 9.43
N LEU A 418 30.00 -28.56 9.20
CA LEU A 418 31.14 -28.13 10.00
C LEU A 418 31.97 -27.14 9.20
N ILE A 419 32.17 -25.95 9.75
CA ILE A 419 33.04 -24.97 9.12
C ILE A 419 34.49 -25.32 9.35
N ASN A 420 34.91 -25.34 10.62
CA ASN A 420 36.24 -25.84 11.00
C ASN A 420 36.07 -26.48 12.38
N GLY A 421 35.86 -27.79 12.40
CA GLY A 421 35.71 -28.52 13.64
C GLY A 421 34.45 -28.22 14.41
N HIS A 422 33.81 -27.08 14.19
CA HIS A 422 32.62 -26.66 14.93
C HIS A 422 31.49 -26.46 13.94
N SER A 423 30.30 -26.92 14.31
CA SER A 423 29.15 -26.82 13.43
C SER A 423 28.69 -25.37 13.32
N ILE A 424 27.93 -25.09 12.26
CA ILE A 424 27.39 -23.75 12.08
C ILE A 424 26.42 -23.39 13.20
N LYS A 425 25.67 -24.39 13.69
CA LYS A 425 24.70 -24.11 14.74
C LYS A 425 25.34 -23.44 15.95
N ASN A 426 26.60 -23.75 16.23
CA ASN A 426 27.29 -23.11 17.35
C ASN A 426 27.73 -21.69 17.01
N ILE A 427 28.19 -21.46 15.78
CA ILE A 427 28.72 -20.15 15.41
C ILE A 427 27.59 -19.14 15.35
N SER A 428 27.88 -17.92 15.81
CA SER A 428 26.89 -16.85 15.81
C SER A 428 26.46 -16.50 14.39
N LEU A 429 25.21 -16.07 14.26
CA LEU A 429 24.67 -15.75 12.94
C LEU A 429 25.38 -14.57 12.31
N GLU A 430 25.66 -13.52 13.10
CA GLU A 430 26.25 -12.32 12.54
C GLU A 430 27.62 -12.59 11.93
N LEU A 431 28.43 -13.40 12.61
CA LEU A 431 29.74 -13.74 12.08
C LEU A 431 29.62 -14.52 10.78
N ILE A 432 28.63 -15.42 10.69
CA ILE A 432 28.44 -16.20 9.47
C ILE A 432 28.03 -15.28 8.32
N ARG A 433 27.10 -14.37 8.58
CA ARG A 433 26.66 -13.48 7.51
C ARG A 433 27.72 -12.44 7.14
N LYS A 434 28.69 -12.20 8.01
CA LYS A 434 29.70 -11.18 7.77
C LYS A 434 30.99 -11.73 7.19
N LYS A 435 31.15 -13.07 7.13
CA LYS A 435 32.37 -13.66 6.60
C LYS A 435 32.21 -14.48 5.34
N ILE A 436 31.00 -14.78 4.90
CA ILE A 436 30.77 -15.59 3.71
C ILE A 436 30.04 -14.75 2.67
N ALA A 437 30.65 -14.63 1.49
CA ALA A 437 30.05 -13.90 0.39
C ALA A 437 29.49 -14.90 -0.61
N PHE A 438 28.32 -14.58 -1.18
CA PHE A 438 27.60 -15.50 -2.05
C PHE A 438 26.96 -14.65 -3.14
N VAL A 439 27.48 -14.75 -4.36
CA VAL A 439 26.92 -14.02 -5.49
C VAL A 439 25.99 -14.97 -6.23
N SER A 440 24.74 -14.56 -6.42
CA SER A 440 23.72 -15.44 -6.94
C SER A 440 23.45 -15.10 -8.41
N GLN A 441 22.55 -15.89 -9.01
CA GLN A 441 22.14 -15.58 -10.37
C GLN A 441 21.38 -14.26 -10.43
N ASP A 442 20.52 -14.01 -9.46
CA ASP A 442 19.82 -12.74 -9.40
C ASP A 442 20.69 -11.69 -8.72
N VAL A 443 20.52 -10.44 -9.14
CA VAL A 443 21.23 -9.31 -8.57
C VAL A 443 20.19 -8.27 -8.17
N PHE A 444 20.28 -7.80 -6.94
CA PHE A 444 19.36 -6.77 -6.44
C PHE A 444 20.14 -5.49 -6.21
N ILE A 445 19.68 -4.42 -6.84
CA ILE A 445 20.29 -3.10 -6.73
C ILE A 445 19.29 -2.18 -6.08
N PHE A 446 19.62 -1.66 -4.90
CA PHE A 446 18.72 -0.78 -4.18
C PHE A 446 18.74 0.60 -4.81
N SER A 447 17.61 1.28 -4.77
CA SER A 447 17.56 2.66 -5.20
C SER A 447 18.48 3.50 -4.33
N GLY A 448 19.27 4.36 -4.96
CA GLY A 448 20.21 5.18 -4.23
C GLY A 448 21.35 5.64 -5.09
N THR A 449 22.57 5.52 -4.60
CA THR A 449 23.75 5.90 -5.36
C THR A 449 24.73 4.73 -5.37
N VAL A 450 25.63 4.74 -6.36
CA VAL A 450 26.54 3.61 -6.54
C VAL A 450 27.39 3.41 -5.29
N LYS A 451 27.82 4.51 -4.66
CA LYS A 451 28.58 4.39 -3.43
C LYS A 451 27.75 3.74 -2.33
N GLU A 452 26.48 4.12 -2.22
CA GLU A 452 25.63 3.51 -1.20
C GLU A 452 25.37 2.05 -1.49
N ASN A 453 25.17 1.69 -2.76
CA ASN A 453 24.94 0.30 -3.10
C ASN A 453 26.20 -0.54 -2.95
N LEU A 454 27.36 0.03 -3.27
CA LEU A 454 28.60 -0.71 -3.07
C LEU A 454 28.88 -0.95 -1.59
N ALA A 455 28.48 -0.03 -0.74
CA ALA A 455 28.68 -0.14 0.70
C ALA A 455 27.33 -0.39 1.33
N LEU A 456 26.92 -1.65 1.38
CA LEU A 456 25.65 -2.03 1.98
C LEU A 456 25.82 -2.68 3.35
N GLY A 457 26.83 -3.52 3.52
CA GLY A 457 27.05 -4.14 4.80
C GLY A 457 27.38 -3.13 5.88
N ASN A 458 28.56 -2.51 5.77
CA ASN A 458 29.02 -1.53 6.72
C ASN A 458 28.94 -0.15 6.09
N GLU A 459 28.31 0.79 6.77
CA GLU A 459 28.09 2.11 6.21
C GLU A 459 29.40 2.92 6.17
N ASN A 460 30.23 2.78 7.20
CA ASN A 460 31.45 3.56 7.32
C ASN A 460 32.58 2.84 6.58
N VAL A 461 32.74 3.15 5.30
CA VAL A 461 33.85 2.65 4.50
C VAL A 461 34.55 3.84 3.85
N ASP A 462 35.88 3.84 3.91
CA ASP A 462 36.63 4.87 3.22
C ASP A 462 36.55 4.65 1.72
N MET A 463 36.77 5.73 0.97
CA MET A 463 36.64 5.67 -0.48
C MET A 463 37.69 4.74 -1.08
N ASP A 464 38.85 4.62 -0.44
CA ASP A 464 39.94 3.82 -0.99
C ASP A 464 39.55 2.36 -1.11
N GLU A 465 38.91 1.81 -0.06
CA GLU A 465 38.52 0.41 -0.10
C GLU A 465 37.49 0.14 -1.19
N ILE A 466 36.50 1.04 -1.33
CA ILE A 466 35.49 0.86 -2.36
C ILE A 466 36.14 0.91 -3.73
N ILE A 467 37.05 1.85 -3.95
CA ILE A 467 37.72 1.95 -5.24
C ILE A 467 38.53 0.69 -5.53
N LYS A 468 39.26 0.18 -4.53
CA LYS A 468 40.04 -1.03 -4.75
C LYS A 468 39.14 -2.22 -5.05
N ALA A 469 38.02 -2.35 -4.34
CA ALA A 469 37.11 -3.45 -4.61
C ALA A 469 36.52 -3.36 -6.00
N ALA A 470 36.11 -2.17 -6.41
CA ALA A 470 35.54 -2.00 -7.75
C ALA A 470 36.58 -2.28 -8.83
N LYS A 471 37.82 -1.88 -8.59
CA LYS A 471 38.89 -2.19 -9.53
C LYS A 471 39.13 -3.69 -9.63
N MET A 472 39.06 -4.39 -8.50
CA MET A 472 39.29 -5.83 -8.52
C MET A 472 38.22 -6.56 -9.32
N ALA A 473 36.98 -6.11 -9.21
CA ALA A 473 35.87 -6.72 -9.93
C ALA A 473 35.71 -6.18 -11.35
N ASN A 474 36.68 -5.40 -11.84
CA ASN A 474 36.64 -4.85 -13.19
C ASN A 474 35.37 -4.03 -13.43
N ALA A 475 34.94 -3.33 -12.39
CA ALA A 475 33.73 -2.52 -12.45
C ALA A 475 33.98 -1.04 -12.22
N HIS A 476 35.24 -0.61 -12.08
CA HIS A 476 35.51 0.81 -11.90
C HIS A 476 35.37 1.58 -13.20
N ASP A 477 35.60 0.92 -14.34
CA ASP A 477 35.60 1.63 -15.62
C ASP A 477 34.25 2.23 -15.92
N PHE A 478 33.18 1.42 -15.86
CA PHE A 478 31.87 1.94 -16.21
C PHE A 478 31.35 2.92 -15.16
N ILE A 479 31.75 2.74 -13.90
CA ILE A 479 31.38 3.73 -12.89
C ILE A 479 32.03 5.07 -13.20
N GLU A 480 33.30 5.06 -13.59
CA GLU A 480 33.98 6.30 -13.92
C GLU A 480 33.38 6.96 -15.16
N LYS A 481 33.01 6.15 -16.17
CA LYS A 481 32.40 6.70 -17.36
C LYS A 481 31.00 7.24 -17.11
N LEU A 482 30.35 6.83 -16.01
CA LEU A 482 29.04 7.33 -15.68
C LEU A 482 29.14 8.80 -15.28
N PRO A 483 28.06 9.57 -15.44
CA PRO A 483 28.07 10.94 -14.94
C PRO A 483 28.19 10.99 -13.43
N LEU A 484 28.86 12.03 -12.96
CA LEU A 484 29.03 12.29 -11.52
C LEU A 484 29.73 11.14 -10.81
N LYS A 485 30.57 10.40 -11.55
CA LYS A 485 31.39 9.32 -11.02
C LYS A 485 30.60 8.41 -10.09
N TYR A 486 30.98 8.35 -8.82
CA TYR A 486 30.28 7.49 -7.86
C TYR A 486 29.08 8.21 -7.26
N ASP A 487 28.27 8.87 -8.09
CA ASP A 487 26.97 9.34 -7.62
C ASP A 487 25.83 8.69 -8.37
N THR A 488 25.72 8.93 -9.68
CA THR A 488 24.94 8.13 -10.63
C THR A 488 23.69 7.55 -9.98
N PHE A 489 22.79 8.41 -9.51
CA PHE A 489 21.60 7.94 -8.81
C PHE A 489 20.90 6.85 -9.59
N LEU A 490 20.87 5.64 -9.04
CA LEU A 490 20.34 4.46 -9.72
C LEU A 490 18.88 4.28 -9.35
N ASN A 491 18.03 4.10 -10.36
CA ASN A 491 16.61 3.94 -10.12
C ASN A 491 16.33 2.58 -9.49
N GLU A 492 15.06 2.35 -9.17
CA GLU A 492 14.67 1.12 -8.51
C GLU A 492 15.06 -0.08 -9.35
N SER A 493 15.50 -1.14 -8.68
CA SER A 493 15.95 -2.38 -9.33
C SER A 493 17.12 -2.15 -10.27
N GLY A 494 17.81 -1.02 -10.12
CA GLY A 494 18.98 -0.74 -10.93
C GLY A 494 18.68 -0.65 -12.40
N ALA A 495 17.51 -0.14 -12.78
CA ALA A 495 17.16 -0.03 -14.18
C ALA A 495 18.09 0.92 -14.92
N ASN A 496 18.79 1.79 -14.19
CA ASN A 496 19.72 2.72 -14.83
C ASN A 496 20.88 2.00 -15.48
N LEU A 497 21.29 0.86 -14.94
CA LEU A 497 22.41 0.10 -15.46
C LEU A 497 21.92 -1.10 -16.27
N SER A 498 22.84 -1.70 -17.01
CA SER A 498 22.55 -2.90 -17.78
C SER A 498 22.59 -4.11 -16.86
N GLU A 499 22.62 -5.31 -17.42
CA GLU A 499 22.72 -6.50 -16.59
C GLU A 499 24.17 -6.89 -16.31
N GLY A 500 25.06 -6.75 -17.29
CA GLY A 500 26.45 -7.02 -17.02
C GLY A 500 27.05 -6.06 -16.01
N GLN A 501 26.68 -4.78 -16.11
CA GLN A 501 27.12 -3.81 -15.13
C GLN A 501 26.57 -4.14 -13.74
N LYS A 502 25.32 -4.62 -13.68
CA LYS A 502 24.77 -5.03 -12.39
C LYS A 502 25.52 -6.23 -11.82
N GLN A 503 25.87 -7.20 -12.66
CA GLN A 503 26.63 -8.35 -12.17
C GLN A 503 28.00 -7.91 -11.66
N ARG A 504 28.67 -7.03 -12.39
CA ARG A 504 29.96 -6.54 -11.93
C ARG A 504 29.82 -5.78 -10.61
N LEU A 505 28.75 -4.99 -10.48
CA LEU A 505 28.52 -4.27 -9.24
C LEU A 505 28.29 -5.22 -8.08
N ALA A 506 27.52 -6.29 -8.29
CA ALA A 506 27.28 -7.26 -7.23
C ALA A 506 28.57 -7.97 -6.83
N ILE A 507 29.39 -8.34 -7.82
CA ILE A 507 30.65 -9.00 -7.49
C ILE A 507 31.55 -8.06 -6.71
N ALA A 508 31.60 -6.78 -7.09
CA ALA A 508 32.39 -5.82 -6.35
C ALA A 508 31.89 -5.68 -4.92
N ARG A 509 30.57 -5.61 -4.75
CA ARG A 509 30.00 -5.48 -3.42
C ARG A 509 30.34 -6.68 -2.55
N ALA A 510 30.27 -7.88 -3.13
CA ALA A 510 30.63 -9.07 -2.38
C ALA A 510 32.11 -9.07 -2.02
N LEU A 511 32.96 -8.67 -2.97
CA LEU A 511 34.40 -8.69 -2.70
C LEU A 511 34.80 -7.68 -1.63
N LEU A 512 34.08 -6.57 -1.54
CA LEU A 512 34.35 -5.59 -0.49
C LEU A 512 34.19 -6.19 0.89
N LYS A 513 33.41 -7.26 1.03
CA LYS A 513 33.15 -7.86 2.33
C LYS A 513 34.37 -8.50 2.96
N LYS A 514 35.45 -8.70 2.19
CA LYS A 514 36.63 -9.41 2.65
C LYS A 514 36.25 -10.78 3.24
N PRO A 515 35.71 -11.67 2.42
CA PRO A 515 35.12 -12.90 2.95
C PRO A 515 36.13 -14.02 3.12
N ASP A 516 35.81 -14.94 4.02
CA ASP A 516 36.59 -16.15 4.19
C ASP A 516 36.14 -17.26 3.24
N ILE A 517 34.85 -17.33 2.96
CA ILE A 517 34.30 -18.26 1.96
C ILE A 517 33.61 -17.42 0.89
N LEU A 518 33.90 -17.72 -0.37
CA LEU A 518 33.34 -16.98 -1.50
C LEU A 518 32.67 -17.97 -2.43
N ILE A 519 31.36 -17.83 -2.59
CA ILE A 519 30.57 -18.72 -3.44
C ILE A 519 30.16 -17.94 -4.69
N LEU A 520 30.54 -18.46 -5.85
CA LEU A 520 30.35 -17.78 -7.12
C LEU A 520 29.38 -18.58 -7.98
N ASP A 521 28.27 -17.96 -8.35
CA ASP A 521 27.31 -18.53 -9.29
C ASP A 521 27.71 -18.14 -10.71
N GLU A 522 26.77 -18.28 -11.65
CA GLU A 522 27.05 -17.93 -13.04
C GLU A 522 27.53 -16.48 -13.17
N ALA A 523 27.10 -15.60 -12.27
CA ALA A 523 27.55 -14.22 -12.29
C ALA A 523 29.06 -14.15 -12.14
N THR A 524 29.74 -13.73 -13.20
CA THR A 524 31.20 -13.63 -13.19
C THR A 524 31.66 -12.39 -13.94
N ASP A 545 44.29 -17.05 0.25
CA ASP A 545 43.92 -18.08 1.21
C ASP A 545 42.44 -17.99 1.56
N VAL A 546 41.63 -17.72 0.55
CA VAL A 546 40.18 -17.64 0.71
C VAL A 546 39.57 -18.81 -0.04
N THR A 547 38.80 -19.63 0.67
CA THR A 547 38.14 -20.76 0.03
C THR A 547 37.09 -20.26 -0.95
N VAL A 548 37.13 -20.79 -2.17
CA VAL A 548 36.22 -20.38 -3.24
C VAL A 548 35.45 -21.60 -3.72
N ILE A 549 34.13 -21.49 -3.72
CA ILE A 549 33.23 -22.54 -4.18
C ILE A 549 32.51 -21.99 -5.41
N ILE A 550 32.74 -22.62 -6.56
CA ILE A 550 32.21 -22.13 -7.84
C ILE A 550 31.14 -23.10 -8.30
N ILE A 551 29.91 -22.61 -8.42
CA ILE A 551 28.80 -23.40 -8.94
C ILE A 551 28.76 -23.14 -10.44
N ALA A 552 29.26 -24.10 -11.21
CA ALA A 552 29.46 -23.92 -12.65
C ALA A 552 28.42 -24.71 -13.43
N HIS A 553 27.79 -24.05 -14.40
CA HIS A 553 26.83 -24.71 -15.27
C HIS A 553 27.50 -25.33 -16.49
N ARG A 554 28.56 -24.71 -17.01
CA ARG A 554 29.29 -25.23 -18.15
C ARG A 554 30.60 -25.83 -17.67
N LEU A 555 30.90 -27.04 -18.15
CA LEU A 555 32.04 -27.79 -17.62
C LEU A 555 33.37 -27.24 -18.10
N SER A 556 33.39 -26.39 -19.12
CA SER A 556 34.66 -25.94 -19.70
C SER A 556 35.30 -24.81 -18.92
N THR A 557 34.58 -24.18 -17.99
CA THR A 557 35.12 -23.02 -17.29
C THR A 557 35.86 -23.37 -16.01
N ILE A 558 35.86 -24.64 -15.60
CA ILE A 558 36.41 -25.02 -14.30
C ILE A 558 37.35 -26.21 -14.45
N VAL A 559 37.88 -26.43 -15.65
CA VAL A 559 38.72 -27.60 -15.89
C VAL A 559 40.01 -27.51 -15.10
N ASN A 560 40.47 -26.30 -14.78
CA ASN A 560 41.76 -26.11 -14.13
C ASN A 560 41.64 -25.90 -12.62
N LEU A 561 40.48 -26.18 -12.05
CA LEU A 561 40.30 -25.99 -10.62
C LEU A 561 40.87 -27.17 -9.83
N ASP A 562 40.83 -27.05 -8.51
CA ASP A 562 41.44 -28.07 -7.65
C ASP A 562 40.60 -29.34 -7.60
N LYS A 563 39.36 -29.23 -7.15
CA LYS A 563 38.49 -30.39 -7.01
C LYS A 563 37.14 -30.09 -7.63
N ILE A 564 36.49 -31.14 -8.14
CA ILE A 564 35.18 -31.03 -8.77
C ILE A 564 34.24 -32.03 -8.11
N TYR A 565 33.06 -31.55 -7.71
CA TYR A 565 32.05 -32.38 -7.08
C TYR A 565 30.85 -32.51 -8.01
N LEU A 566 30.41 -33.73 -8.25
CA LEU A 566 29.28 -34.00 -9.13
C LEU A 566 28.07 -34.37 -8.27
N LEU A 567 26.98 -33.62 -8.42
CA LEU A 567 25.74 -33.90 -7.72
C LEU A 567 24.82 -34.70 -8.62
N LYS A 568 24.60 -35.96 -8.26
CA LYS A 568 23.66 -36.83 -8.96
C LYS A 568 22.69 -37.40 -7.92
N ASP A 569 21.41 -37.11 -8.11
CA ASP A 569 20.36 -37.57 -7.19
C ASP A 569 20.65 -37.13 -5.76
N GLY A 570 21.16 -35.91 -5.61
CA GLY A 570 21.53 -35.41 -4.30
C GLY A 570 22.64 -36.20 -3.64
N GLU A 571 23.67 -36.56 -4.41
CA GLU A 571 24.79 -37.32 -3.88
C GLU A 571 26.03 -36.96 -4.67
N ILE A 572 27.19 -37.28 -4.09
CA ILE A 572 28.48 -36.85 -4.64
C ILE A 572 29.22 -38.12 -5.06
N VAL A 573 28.48 -39.06 -5.64
CA VAL A 573 29.00 -40.36 -6.05
C VAL A 573 30.34 -40.26 -6.77
N GLU A 574 30.53 -39.19 -7.55
CA GLU A 574 31.78 -38.96 -8.26
C GLU A 574 32.40 -37.67 -7.78
N SER A 575 33.68 -37.73 -7.41
CA SER A 575 34.37 -36.57 -6.86
C SER A 575 35.85 -36.69 -7.12
N GLY A 576 36.53 -35.55 -7.15
CA GLY A 576 37.96 -35.52 -7.39
C GLY A 576 38.32 -34.33 -8.26
N SER A 577 39.57 -34.34 -8.71
CA SER A 577 40.04 -33.31 -9.62
C SER A 577 39.58 -33.61 -11.04
N HIS A 578 39.93 -32.74 -11.98
CA HIS A 578 39.50 -32.93 -13.36
C HIS A 578 40.09 -34.18 -13.97
N THR A 579 41.36 -34.47 -13.68
CA THR A 579 42.04 -35.59 -14.31
C THR A 579 41.40 -36.92 -13.91
N GLU A 580 41.04 -37.08 -12.64
CA GLU A 580 40.52 -38.36 -12.17
C GLU A 580 39.17 -38.69 -12.81
N LEU A 581 38.26 -37.71 -12.84
CA LEU A 581 36.91 -38.00 -13.32
C LEU A 581 36.89 -38.35 -14.79
N ILE A 582 37.66 -37.63 -15.60
CA ILE A 582 37.67 -37.89 -17.04
C ILE A 582 38.29 -39.26 -17.32
N ALA A 583 39.28 -39.66 -16.54
CA ALA A 583 39.88 -40.97 -16.72
C ALA A 583 39.00 -42.08 -16.17
N LEU A 584 38.08 -41.77 -15.26
CA LEU A 584 37.23 -42.80 -14.66
C LEU A 584 36.16 -43.29 -15.62
N LYS A 585 35.85 -42.53 -16.67
CA LYS A 585 34.79 -42.86 -17.63
C LYS A 585 33.45 -43.02 -16.93
N GLY A 586 33.17 -42.14 -15.97
CA GLY A 586 31.92 -42.16 -15.24
C GLY A 586 30.91 -41.20 -15.81
N ALA A 587 29.99 -40.75 -14.94
CA ALA A 587 28.99 -39.79 -15.36
C ALA A 587 29.61 -38.47 -15.76
N TYR A 588 30.70 -38.08 -15.09
CA TYR A 588 31.42 -36.87 -15.47
C TYR A 588 31.98 -36.98 -16.87
N PHE A 589 32.48 -38.15 -17.24
CA PHE A 589 32.99 -38.35 -18.60
C PHE A 589 31.89 -38.15 -19.63
N LYS A 590 30.70 -38.70 -19.38
CA LYS A 590 29.60 -38.54 -20.32
C LYS A 590 29.15 -37.08 -20.38
N MET A 591 29.13 -36.39 -19.23
CA MET A 591 28.78 -34.97 -19.25
C MET A 591 29.79 -34.17 -20.06
N TRP A 592 31.07 -34.46 -19.90
CA TRP A 592 32.10 -33.78 -20.68
C TRP A 592 31.95 -34.05 -22.16
N LYS A 593 31.66 -35.29 -22.53
CA LYS A 593 31.46 -35.61 -23.94
C LYS A 593 30.24 -34.91 -24.51
N GLN A 594 29.16 -34.83 -23.73
CA GLN A 594 27.97 -34.11 -24.18
C GLN A 594 28.28 -32.63 -24.38
N THR A 595 29.05 -32.03 -23.46
CA THR A 595 29.47 -30.66 -23.64
C THR A 595 30.36 -30.51 -24.87
N GLU A 596 31.28 -31.44 -25.07
CA GLU A 596 32.16 -31.43 -26.23
C GLU A 596 31.51 -32.11 -27.44
N GLN B 26 -11.18 20.31 -12.45
CA GLN B 26 -11.76 20.83 -13.67
C GLN B 26 -12.10 19.70 -14.64
N ASN B 27 -11.08 19.20 -15.35
CA ASN B 27 -11.30 18.06 -16.23
C ASN B 27 -11.75 16.84 -15.44
N MET B 28 -11.13 16.60 -14.28
CA MET B 28 -11.55 15.48 -13.45
C MET B 28 -12.97 15.66 -12.94
N MET B 29 -13.37 16.90 -12.65
CA MET B 29 -14.75 17.12 -12.23
C MET B 29 -15.72 16.79 -13.36
N VAL B 30 -15.34 17.11 -14.60
CA VAL B 30 -16.13 16.68 -15.75
C VAL B 30 -16.19 15.16 -15.81
N LYS B 31 -15.08 14.50 -15.50
CA LYS B 31 -15.06 13.03 -15.50
C LYS B 31 -16.01 12.46 -14.46
N PHE B 32 -16.00 13.01 -13.25
CA PHE B 32 -16.97 12.58 -12.24
C PHE B 32 -18.41 12.87 -12.67
N ALA B 33 -18.63 13.99 -13.34
CA ALA B 33 -19.97 14.25 -13.85
C ALA B 33 -20.40 13.17 -14.83
N GLY B 34 -19.50 12.79 -15.74
CA GLY B 34 -19.81 11.72 -16.66
C GLY B 34 -20.05 10.39 -15.96
N PHE B 35 -19.33 10.15 -14.86
CA PHE B 35 -19.54 8.92 -14.11
C PHE B 35 -20.87 8.93 -13.37
N LEU B 36 -21.29 10.10 -12.88
CA LEU B 36 -22.55 10.20 -12.16
C LEU B 36 -23.76 10.18 -13.09
N LYS B 37 -23.60 10.62 -14.34
CA LYS B 37 -24.75 10.71 -15.24
C LYS B 37 -25.56 9.42 -15.36
N PRO B 38 -24.96 8.23 -15.48
CA PRO B 38 -25.79 7.01 -15.51
C PRO B 38 -26.56 6.75 -14.22
N LEU B 39 -26.19 7.39 -13.11
CA LEU B 39 -26.83 7.17 -11.82
C LEU B 39 -27.75 8.32 -11.42
N LYS B 40 -28.38 8.96 -12.41
CA LYS B 40 -29.29 10.07 -12.12
C LYS B 40 -30.47 9.60 -11.28
N LYS B 41 -31.01 8.43 -11.58
CA LYS B 41 -32.14 7.92 -10.80
C LYS B 41 -31.75 7.68 -9.35
N THR B 42 -30.57 7.12 -9.13
CA THR B 42 -30.10 6.89 -7.76
C THR B 42 -29.91 8.20 -7.01
N VAL B 43 -29.31 9.20 -7.66
CA VAL B 43 -29.13 10.48 -6.99
C VAL B 43 -30.47 11.13 -6.68
N LEU B 44 -31.42 11.05 -7.60
CA LEU B 44 -32.74 11.62 -7.36
C LEU B 44 -33.44 10.94 -6.21
N ALA B 45 -33.33 9.61 -6.12
CA ALA B 45 -33.93 8.90 -5.00
C ALA B 45 -33.29 9.32 -3.69
N ILE B 46 -31.96 9.47 -3.68
CA ILE B 46 -31.29 9.93 -2.48
C ILE B 46 -31.83 11.29 -2.07
N PHE B 47 -32.00 12.19 -3.04
CA PHE B 47 -32.47 13.53 -2.73
C PHE B 47 -33.89 13.52 -2.18
N LEU B 48 -34.79 12.73 -2.78
CA LEU B 48 -36.17 12.71 -2.32
C LEU B 48 -36.27 12.11 -0.92
N ALA B 49 -35.54 11.02 -0.67
CA ALA B 49 -35.52 10.46 0.68
C ALA B 49 -34.94 11.46 1.67
N SER B 50 -33.93 12.23 1.25
CA SER B 50 -33.35 13.24 2.12
C SER B 50 -34.36 14.32 2.46
N LEU B 51 -35.14 14.77 1.48
CA LEU B 51 -36.16 15.78 1.75
C LEU B 51 -37.21 15.26 2.72
N LEU B 52 -37.69 14.03 2.50
CA LEU B 52 -38.68 13.47 3.41
C LEU B 52 -38.11 13.32 4.82
N TYR B 53 -36.86 12.89 4.93
CA TYR B 53 -36.23 12.75 6.24
C TYR B 53 -36.11 14.09 6.94
N THR B 54 -35.71 15.13 6.20
CA THR B 54 -35.62 16.46 6.81
C THR B 54 -36.97 16.96 7.27
N ALA B 55 -38.01 16.77 6.46
CA ALA B 55 -39.34 17.23 6.85
C ALA B 55 -39.83 16.51 8.11
N LEU B 56 -39.63 15.19 8.17
CA LEU B 56 -40.04 14.45 9.35
C LEU B 56 -39.22 14.89 10.56
N GLY B 57 -37.93 15.14 10.39
CA GLY B 57 -37.12 15.61 11.50
C GLY B 57 -37.59 16.95 12.03
N ILE B 58 -37.99 17.86 11.15
CA ILE B 58 -38.55 19.12 11.59
C ILE B 58 -39.86 18.89 12.35
N ALA B 59 -40.72 18.02 11.83
CA ALA B 59 -42.00 17.79 12.49
C ALA B 59 -41.86 17.02 13.80
N GLY B 60 -40.69 16.44 14.05
CA GLY B 60 -40.53 15.65 15.27
C GLY B 60 -40.70 16.45 16.55
N SER B 61 -40.06 17.63 16.63
CA SER B 61 -40.05 18.41 17.87
C SER B 61 -41.44 18.89 18.28
N PHE B 62 -42.38 18.94 17.33
CA PHE B 62 -43.73 19.31 17.69
C PHE B 62 -44.34 18.32 18.66
N TYR B 63 -43.75 17.14 18.81
CA TYR B 63 -44.21 16.21 19.85
C TYR B 63 -44.14 16.86 21.22
N ILE B 64 -42.94 17.24 21.65
CA ILE B 64 -42.81 17.90 22.95
C ILE B 64 -43.59 19.20 22.95
N LYS B 65 -43.53 19.95 21.85
CA LYS B 65 -44.16 21.27 21.82
C LYS B 65 -45.66 21.18 22.07
N PHE B 66 -46.32 20.19 21.46
CA PHE B 66 -47.74 19.95 21.71
C PHE B 66 -47.99 19.27 23.05
N LEU B 67 -47.09 18.39 23.47
CA LEU B 67 -47.32 17.64 24.69
C LEU B 67 -47.39 18.57 25.90
N PHE B 68 -46.51 19.56 25.95
CA PHE B 68 -46.49 20.41 27.14
C PHE B 68 -47.25 21.71 26.95
N ASP B 69 -48.03 21.83 25.88
CA ASP B 69 -48.96 22.93 25.70
C ASP B 69 -50.42 22.46 25.63
N ASP B 70 -50.66 21.25 25.15
CA ASP B 70 -52.01 20.74 24.93
C ASP B 70 -52.34 19.54 25.80
N LEU B 71 -51.53 18.49 25.71
CA LEU B 71 -51.89 17.22 26.32
C LEU B 71 -51.90 17.33 27.85
N ILE B 72 -50.91 18.01 28.43
CA ILE B 72 -50.82 18.08 29.88
C ILE B 72 -51.92 18.98 30.44
N LYS B 73 -52.13 20.15 29.84
CA LYS B 73 -53.04 21.12 30.43
C LYS B 73 -54.49 20.66 30.36
N PHE B 74 -54.86 19.94 29.31
CA PHE B 74 -56.25 19.53 29.12
C PHE B 74 -56.54 18.12 29.64
N GLU B 75 -55.52 17.40 30.12
CA GLU B 75 -55.70 16.09 30.75
C GLU B 75 -56.48 15.13 29.85
N LYS B 76 -55.93 14.86 28.68
CA LYS B 76 -56.50 13.93 27.72
C LYS B 76 -55.71 12.63 27.77
N LEU B 77 -56.42 11.51 27.87
CA LEU B 77 -55.76 10.20 27.95
C LEU B 77 -55.74 9.49 26.60
N ASN B 78 -56.92 9.26 26.01
CA ASN B 78 -56.98 8.60 24.71
C ASN B 78 -56.31 9.45 23.64
N ASP B 79 -56.51 10.77 23.70
CA ASP B 79 -55.82 11.66 22.77
C ASP B 79 -54.32 11.58 22.96
N LEU B 80 -53.86 11.48 24.20
CA LEU B 80 -52.44 11.31 24.47
C LEU B 80 -51.91 10.03 23.84
N HIS B 81 -52.65 8.93 23.99
CA HIS B 81 -52.21 7.67 23.41
C HIS B 81 -52.13 7.74 21.90
N ILE B 82 -53.15 8.35 21.28
CA ILE B 82 -53.16 8.46 19.82
C ILE B 82 -51.99 9.31 19.34
N ILE B 83 -51.75 10.43 20.02
CA ILE B 83 -50.66 11.33 19.61
C ILE B 83 -49.30 10.64 19.79
N SER B 84 -49.10 9.94 20.91
CA SER B 84 -47.83 9.26 21.13
C SER B 84 -47.61 8.18 20.07
N ALA B 85 -48.64 7.41 19.77
CA ALA B 85 -48.50 6.39 18.72
C ALA B 85 -48.20 7.03 17.38
N GLY B 86 -48.86 8.15 17.06
CA GLY B 86 -48.60 8.83 15.80
C GLY B 86 -47.16 9.32 15.69
N PHE B 87 -46.63 9.89 16.77
CA PHE B 87 -45.27 10.39 16.71
C PHE B 87 -44.26 9.26 16.66
N ALA B 88 -44.55 8.15 17.33
CA ALA B 88 -43.70 6.97 17.16
C ALA B 88 -43.72 6.49 15.72
N VAL B 89 -44.88 6.52 15.07
CA VAL B 89 -44.98 6.13 13.68
C VAL B 89 -44.17 7.05 12.79
N ILE B 90 -44.26 8.37 13.04
CA ILE B 90 -43.48 9.32 12.25
C ILE B 90 -41.99 9.05 12.42
N PHE B 91 -41.55 8.81 13.65
CA PHE B 91 -40.13 8.55 13.86
C PHE B 91 -39.69 7.26 13.18
N LEU B 92 -40.55 6.24 13.19
CA LEU B 92 -40.21 4.99 12.50
C LEU B 92 -40.09 5.21 11.01
N LEU B 93 -40.98 6.01 10.42
CA LEU B 93 -40.84 6.34 9.00
C LEU B 93 -39.55 7.09 8.76
N GLN B 94 -39.16 7.96 9.71
CA GLN B 94 -37.90 8.69 9.56
C GLN B 94 -36.72 7.73 9.54
N ILE B 95 -36.74 6.73 10.44
CA ILE B 95 -35.64 5.77 10.49
C ILE B 95 -35.60 4.94 9.21
N PHE B 96 -36.77 4.50 8.73
CA PHE B 96 -36.77 3.72 7.49
C PHE B 96 -36.24 4.53 6.32
N LEU B 97 -36.62 5.81 6.23
CA LEU B 97 -36.12 6.66 5.17
C LEU B 97 -34.61 6.82 5.27
N ASN B 98 -34.10 6.98 6.50
CA ASN B 98 -32.66 7.08 6.69
C ASN B 98 -31.96 5.81 6.24
N TYR B 99 -32.55 4.65 6.57
CA TYR B 99 -31.97 3.37 6.19
C TYR B 99 -31.88 3.25 4.67
N TYR B 100 -32.98 3.55 3.98
CA TYR B 100 -33.02 3.45 2.53
C TYR B 100 -32.04 4.41 1.88
N ARG B 101 -32.01 5.65 2.35
CA ARG B 101 -31.08 6.64 1.81
C ARG B 101 -29.64 6.22 2.03
N SER B 102 -29.33 5.65 3.19
CA SER B 102 -27.96 5.25 3.47
C SER B 102 -27.52 4.10 2.57
N ILE B 103 -28.42 3.13 2.33
CA ILE B 103 -28.08 2.07 1.39
C ILE B 103 -27.78 2.64 0.02
N LEU B 104 -28.62 3.57 -0.46
CA LEU B 104 -28.39 4.12 -1.79
C LEU B 104 -27.09 4.89 -1.87
N VAL B 105 -26.76 5.65 -0.83
CA VAL B 105 -25.51 6.42 -0.84
C VAL B 105 -24.31 5.47 -0.83
N THR B 106 -24.37 4.39 -0.06
CA THR B 106 -23.28 3.42 -0.10
C THR B 106 -23.13 2.83 -1.48
N LYS B 107 -24.25 2.52 -2.14
CA LYS B 107 -24.17 1.99 -3.50
C LYS B 107 -23.48 2.99 -4.44
N LEU B 108 -23.87 4.26 -4.34
CA LEU B 108 -23.29 5.28 -5.21
C LEU B 108 -21.79 5.42 -4.96
N GLY B 109 -21.39 5.46 -3.68
CA GLY B 109 -19.98 5.58 -3.38
C GLY B 109 -19.18 4.38 -3.88
N MET B 110 -19.72 3.18 -3.71
CA MET B 110 -19.05 1.98 -4.18
C MET B 110 -18.86 2.00 -5.70
N SER B 111 -19.91 2.39 -6.43
CA SER B 111 -19.81 2.45 -7.88
C SER B 111 -18.77 3.46 -8.34
N ILE B 112 -18.78 4.66 -7.75
CA ILE B 112 -17.83 5.68 -8.18
C ILE B 112 -16.41 5.26 -7.86
N ASP B 113 -16.19 4.71 -6.66
CA ASP B 113 -14.84 4.28 -6.30
C ASP B 113 -14.33 3.19 -7.22
N LYS B 114 -15.18 2.21 -7.54
CA LYS B 114 -14.74 1.16 -8.44
C LYS B 114 -14.40 1.72 -9.81
N SER B 115 -15.22 2.64 -10.32
CA SER B 115 -14.94 3.20 -11.64
C SER B 115 -13.61 3.95 -11.64
N ILE B 116 -13.35 4.73 -10.61
CA ILE B 116 -12.09 5.48 -10.55
C ILE B 116 -10.90 4.53 -10.52
N MET B 117 -10.95 3.52 -9.64
CA MET B 117 -9.83 2.61 -9.54
C MET B 117 -9.57 1.89 -10.86
N MET B 118 -10.63 1.36 -11.47
CA MET B 118 -10.46 0.63 -12.72
C MET B 118 -9.90 1.52 -13.82
N GLU B 119 -10.41 2.75 -13.95
CA GLU B 119 -9.91 3.62 -14.99
C GLU B 119 -8.42 3.92 -14.78
N TYR B 120 -8.04 4.24 -13.54
CA TYR B 120 -6.64 4.56 -13.28
C TYR B 120 -5.74 3.37 -13.59
N TYR B 121 -6.12 2.18 -13.13
CA TYR B 121 -5.26 1.02 -13.37
C TYR B 121 -5.17 0.66 -14.84
N SER B 122 -6.31 0.71 -15.54
CA SER B 122 -6.29 0.42 -16.97
C SER B 122 -5.45 1.41 -17.74
N HIS B 123 -5.37 2.66 -17.28
CA HIS B 123 -4.49 3.60 -17.96
C HIS B 123 -3.04 3.36 -17.60
N VAL B 124 -2.75 3.01 -16.34
CA VAL B 124 -1.36 2.79 -15.95
C VAL B 124 -0.75 1.65 -16.73
N LEU B 125 -1.52 0.58 -16.96
CA LEU B 125 -0.93 -0.55 -17.68
C LEU B 125 -0.58 -0.22 -19.12
N LYS B 126 -1.02 0.92 -19.66
CA LYS B 126 -0.74 1.28 -21.04
C LYS B 126 0.30 2.37 -21.20
N LEU B 127 0.95 2.78 -20.12
CA LEU B 127 1.89 3.90 -20.18
C LEU B 127 3.18 3.47 -20.86
N PRO B 128 3.93 4.41 -21.42
CA PRO B 128 5.21 4.07 -22.05
C PRO B 128 6.18 3.54 -21.01
N MET B 129 7.22 2.86 -21.50
CA MET B 129 8.08 2.14 -20.57
C MET B 129 8.96 3.08 -19.75
N ASN B 130 9.37 4.22 -20.33
CA ASN B 130 10.24 5.11 -19.57
C ASN B 130 9.55 5.62 -18.31
N PHE B 131 8.22 5.69 -18.32
CA PHE B 131 7.49 6.04 -17.10
C PHE B 131 7.75 5.01 -16.01
N PHE B 132 7.67 3.72 -16.35
CA PHE B 132 7.92 2.69 -15.35
C PHE B 132 9.38 2.68 -14.93
N ASN B 133 10.29 2.95 -15.86
CA ASN B 133 11.71 2.96 -15.50
C ASN B 133 12.10 4.19 -14.68
N SER B 134 11.27 5.24 -14.66
CA SER B 134 11.61 6.45 -13.92
C SER B 134 10.74 6.69 -12.70
N ARG B 135 9.90 5.73 -12.31
CA ARG B 135 9.02 5.92 -11.16
C ARG B 135 9.11 4.71 -10.25
N LYS B 136 9.15 4.95 -8.95
CA LYS B 136 9.20 3.86 -8.00
C LYS B 136 7.89 3.06 -8.04
N VAL B 137 7.95 1.83 -7.55
CA VAL B 137 6.75 0.99 -7.54
C VAL B 137 5.70 1.59 -6.64
N GLY B 138 6.08 1.95 -5.42
CA GLY B 138 5.11 2.47 -4.48
C GLY B 138 4.38 3.68 -5.02
N GLU B 139 5.13 4.63 -5.58
CA GLU B 139 4.50 5.84 -6.09
C GLU B 139 3.56 5.56 -7.26
N ILE B 140 3.64 4.39 -7.89
CA ILE B 140 2.64 4.03 -8.89
C ILE B 140 1.39 3.43 -8.25
N ILE B 141 1.52 2.64 -7.19
CA ILE B 141 0.34 2.08 -6.54
C ILE B 141 -0.17 2.93 -5.40
N SER B 142 0.68 3.77 -4.80
CA SER B 142 0.22 4.62 -3.70
C SER B 142 -0.96 5.46 -4.13
N ARG B 143 -0.84 6.13 -5.27
CA ARG B 143 -1.95 6.89 -5.81
C ARG B 143 -3.20 6.02 -5.95
N PHE B 144 -3.01 4.79 -6.42
CA PHE B 144 -4.13 3.86 -6.49
C PHE B 144 -4.81 3.71 -5.13
N MET B 145 -4.01 3.42 -4.10
CA MET B 145 -4.59 3.25 -2.77
C MET B 145 -5.15 4.54 -2.22
N ASP B 146 -4.79 5.68 -2.80
CA ASP B 146 -5.35 6.95 -2.37
C ASP B 146 -6.67 7.26 -3.06
N ALA B 147 -7.16 6.36 -3.90
CA ALA B 147 -8.49 6.54 -4.46
C ALA B 147 -9.57 6.26 -3.43
N SER B 148 -9.23 5.67 -2.29
CA SER B 148 -10.24 5.43 -1.26
C SER B 148 -10.69 6.74 -0.63
N LYS B 149 -9.83 7.76 -0.62
CA LYS B 149 -10.20 9.03 -0.02
C LYS B 149 -11.30 9.74 -0.81
N ILE B 150 -11.43 9.44 -2.10
CA ILE B 150 -12.59 9.94 -2.84
C ILE B 150 -13.86 9.24 -2.38
N ARG B 151 -13.78 7.93 -2.13
CA ARG B 151 -14.93 7.23 -1.61
C ARG B 151 -15.30 7.72 -0.21
N GLN B 152 -14.29 7.94 0.64
CA GLN B 152 -14.55 8.41 1.99
C GLN B 152 -15.12 9.81 2.02
N ALA B 153 -14.99 10.55 0.92
CA ALA B 153 -15.53 11.91 0.85
C ALA B 153 -16.97 11.93 0.37
N ILE B 154 -17.36 11.04 -0.54
CA ILE B 154 -18.72 11.02 -1.03
C ILE B 154 -19.69 10.62 0.06
N SER B 155 -19.37 9.52 0.76
CA SER B 155 -20.28 9.00 1.78
C SER B 155 -20.48 9.98 2.91
N GLY B 156 -19.40 10.65 3.33
CA GLY B 156 -19.47 11.57 4.44
C GLY B 156 -19.91 12.97 4.13
N ALA B 157 -20.26 13.27 2.88
CA ALA B 157 -20.66 14.62 2.53
C ALA B 157 -21.87 14.73 1.62
N THR B 158 -22.34 13.65 0.98
CA THR B 158 -23.43 13.79 0.03
C THR B 158 -24.72 14.25 0.71
N LEU B 159 -25.07 13.63 1.82
CA LEU B 159 -26.29 13.97 2.55
C LEU B 159 -26.25 15.44 2.98
N THR B 160 -25.12 15.86 3.56
CA THR B 160 -24.98 17.23 4.01
C THR B 160 -25.15 18.20 2.86
N ILE B 161 -24.46 17.97 1.75
CA ILE B 161 -24.56 18.89 0.63
C ILE B 161 -25.98 18.98 0.11
N MET B 162 -26.71 17.86 0.07
CA MET B 162 -28.07 17.90 -0.46
C MET B 162 -29.05 18.60 0.48
N ILE B 163 -28.99 18.31 1.78
CA ILE B 163 -30.04 18.81 2.66
C ILE B 163 -29.70 20.19 3.22
N ASP B 164 -28.47 20.38 3.70
CA ASP B 164 -28.16 21.55 4.49
C ASP B 164 -28.11 22.82 3.63
N THR B 165 -27.86 22.69 2.34
CA THR B 165 -27.89 23.87 1.48
C THR B 165 -29.28 24.48 1.43
N ILE B 166 -30.29 23.66 1.11
CA ILE B 166 -31.66 24.14 1.07
C ILE B 166 -32.13 24.53 2.45
N MET B 167 -31.70 23.79 3.49
CA MET B 167 -32.05 24.16 4.85
C MET B 167 -31.52 25.55 5.19
N ALA B 168 -30.29 25.84 4.80
CA ALA B 168 -29.70 27.14 5.08
C ALA B 168 -30.42 28.25 4.32
N VAL B 169 -30.76 28.01 3.06
CA VAL B 169 -31.46 29.05 2.29
C VAL B 169 -32.82 29.34 2.92
N ILE B 170 -33.56 28.29 3.27
CA ILE B 170 -34.87 28.48 3.89
C ILE B 170 -34.73 29.18 5.24
N GLY B 171 -33.73 28.80 6.03
CA GLY B 171 -33.52 29.46 7.30
C GLY B 171 -33.18 30.94 7.13
N GLY B 172 -32.38 31.25 6.11
CA GLY B 172 -32.09 32.65 5.85
C GLY B 172 -33.33 33.45 5.51
N ILE B 173 -34.20 32.88 4.67
CA ILE B 173 -35.45 33.55 4.34
C ILE B 173 -36.28 33.77 5.59
N LEU B 174 -36.38 32.74 6.43
CA LEU B 174 -37.23 32.83 7.62
C LEU B 174 -36.69 33.85 8.61
N LEU B 175 -35.37 33.88 8.82
CA LEU B 175 -34.81 34.90 9.70
C LEU B 175 -34.98 36.29 9.13
N TYR B 176 -34.85 36.45 7.81
CA TYR B 176 -35.04 37.78 7.22
C TYR B 176 -36.47 38.27 7.43
N ILE B 177 -37.46 37.39 7.25
CA ILE B 177 -38.83 37.84 7.47
C ILE B 177 -39.13 37.95 8.97
N GLN B 178 -38.31 37.31 9.81
CA GLN B 178 -38.56 37.35 11.25
C GLN B 178 -38.04 38.64 11.87
N ASN B 179 -36.79 38.99 11.58
CA ASN B 179 -36.16 40.18 12.15
C ASN B 179 -35.14 40.71 11.16
N SER B 180 -34.68 41.94 11.41
CA SER B 180 -33.73 42.60 10.53
C SER B 180 -32.35 42.72 11.14
N SER B 181 -32.23 43.36 12.31
CA SER B 181 -30.91 43.62 12.88
C SER B 181 -30.21 42.33 13.28
N LEU B 182 -30.93 41.43 13.95
CA LEU B 182 -30.33 40.16 14.33
C LEU B 182 -29.99 39.31 13.11
N PHE B 183 -30.81 39.39 12.06
CA PHE B 183 -30.43 38.70 10.83
C PHE B 183 -29.15 39.25 10.26
N PHE B 184 -28.97 40.58 10.31
CA PHE B 184 -27.73 41.15 9.80
C PHE B 184 -26.52 40.72 10.63
N ILE B 185 -26.71 40.60 11.95
CA ILE B 185 -25.62 40.07 12.76
C ILE B 185 -25.30 38.63 12.36
N SER B 186 -26.32 37.82 12.10
CA SER B 186 -26.08 36.45 11.64
C SER B 186 -25.36 36.46 10.29
N PHE B 187 -25.71 37.41 9.42
CA PHE B 187 -25.04 37.51 8.13
C PHE B 187 -23.57 37.88 8.29
N ILE B 188 -23.27 38.73 9.27
CA ILE B 188 -21.88 39.03 9.58
C ILE B 188 -21.17 37.76 10.07
N ILE B 189 -21.87 36.93 10.85
CA ILE B 189 -21.27 35.67 11.28
C ILE B 189 -20.92 34.81 10.08
N ILE B 190 -21.83 34.72 9.11
CA ILE B 190 -21.59 33.90 7.93
C ILE B 190 -20.47 34.48 7.07
N LEU B 191 -20.41 35.81 6.96
CA LEU B 191 -19.33 36.43 6.20
C LEU B 191 -17.98 36.14 6.83
N LEU B 192 -17.92 36.19 8.17
CA LEU B 192 -16.69 35.85 8.87
C LEU B 192 -16.33 34.38 8.64
N TYR B 193 -17.34 33.50 8.62
CA TYR B 193 -17.11 32.11 8.25
C TYR B 193 -16.44 32.01 6.90
N GLY B 194 -16.99 32.72 5.91
CA GLY B 194 -16.45 32.66 4.56
C GLY B 194 -15.02 33.18 4.49
N ILE B 195 -14.73 34.25 5.24
CA ILE B 195 -13.36 34.76 5.27
C ILE B 195 -12.42 33.74 5.88
N ILE B 196 -12.87 33.03 6.93
CA ILE B 196 -12.03 32.01 7.54
C ILE B 196 -11.75 30.89 6.55
N VAL B 197 -12.78 30.43 5.83
CA VAL B 197 -12.61 29.28 4.95
C VAL B 197 -11.60 29.58 3.86
N THR B 198 -11.74 30.72 3.19
CA THR B 198 -10.87 31.00 2.05
C THR B 198 -9.42 31.26 2.48
N VAL B 199 -9.19 31.66 3.73
CA VAL B 199 -7.82 31.82 4.21
C VAL B 199 -7.16 30.47 4.40
N PHE B 200 -7.90 29.48 4.92
CA PHE B 200 -7.38 28.14 5.18
C PHE B 200 -7.61 27.20 4.02
N ASN B 201 -7.63 27.70 2.79
CA ASN B 201 -7.85 26.85 1.63
C ASN B 201 -6.54 26.34 1.04
N LYS B 202 -5.65 27.26 0.68
CA LYS B 202 -4.35 26.85 0.12
C LYS B 202 -3.48 26.10 1.11
N PRO B 203 -3.31 26.54 2.36
CA PRO B 203 -2.42 25.78 3.26
C PRO B 203 -2.86 24.34 3.48
N ILE B 204 -4.16 24.08 3.53
CA ILE B 204 -4.58 22.69 3.71
C ILE B 204 -4.21 21.86 2.50
N GLN B 205 -4.34 22.41 1.29
CA GLN B 205 -3.92 21.67 0.11
C GLN B 205 -2.42 21.39 0.16
N ASN B 206 -1.62 22.38 0.57
CA ASN B 206 -0.18 22.12 0.62
C ASN B 206 0.14 21.04 1.63
N ALA B 207 -0.50 21.07 2.80
CA ALA B 207 -0.25 20.03 3.80
C ALA B 207 -0.68 18.65 3.28
N ASN B 208 -1.82 18.59 2.60
CA ASN B 208 -2.31 17.32 2.08
C ASN B 208 -1.36 16.77 1.02
N ARG B 209 -0.91 17.61 0.09
CA ARG B 209 0.02 17.15 -0.92
C ARG B 209 1.31 16.66 -0.29
N GLN B 210 1.80 17.38 0.72
CA GLN B 210 3.04 16.97 1.37
C GLN B 210 2.88 15.62 2.05
N ILE B 211 1.78 15.41 2.77
CA ILE B 211 1.62 14.12 3.46
C ILE B 211 1.42 12.99 2.45
N MET B 212 0.73 13.26 1.34
CA MET B 212 0.58 12.22 0.32
C MET B 212 1.93 11.84 -0.27
N GLU B 213 2.77 12.83 -0.56
CA GLU B 213 4.09 12.52 -1.11
C GLU B 213 4.94 11.75 -0.11
N ASP B 214 4.87 12.12 1.17
CA ASP B 214 5.64 11.39 2.18
C ASP B 214 5.17 9.95 2.32
N ASN B 215 3.86 9.73 2.30
CA ASN B 215 3.35 8.35 2.32
C ASN B 215 3.81 7.58 1.09
N ALA B 216 3.80 8.23 -0.08
CA ALA B 216 4.27 7.55 -1.29
C ALA B 216 5.71 7.13 -1.16
N LYS B 217 6.57 8.02 -0.64
CA LYS B 217 7.97 7.66 -0.47
C LYS B 217 8.16 6.52 0.53
N LEU B 218 7.43 6.56 1.65
CA LEU B 218 7.53 5.49 2.62
C LEU B 218 7.11 4.15 2.01
N THR B 219 5.98 4.15 1.28
CA THR B 219 5.53 2.91 0.67
C THR B 219 6.53 2.37 -0.34
N SER B 220 7.10 3.26 -1.16
CA SER B 220 8.09 2.82 -2.14
C SER B 220 9.28 2.18 -1.46
N ALA B 221 9.85 2.86 -0.46
CA ALA B 221 11.03 2.32 0.20
C ALA B 221 10.72 1.01 0.92
N LEU B 222 9.54 0.92 1.53
CA LEU B 222 9.21 -0.29 2.26
C LEU B 222 9.04 -1.48 1.33
N VAL B 223 8.38 -1.27 0.18
CA VAL B 223 8.24 -2.34 -0.81
C VAL B 223 9.62 -2.77 -1.30
N GLU B 224 10.47 -1.80 -1.63
CA GLU B 224 11.79 -2.11 -2.16
C GLU B 224 12.63 -2.87 -1.13
N SER B 225 12.44 -2.58 0.15
CA SER B 225 13.20 -3.30 1.18
C SER B 225 12.67 -4.71 1.38
N VAL B 226 11.35 -4.89 1.42
CA VAL B 226 10.80 -6.22 1.65
C VAL B 226 11.13 -7.15 0.49
N LYS B 227 11.03 -6.65 -0.75
CA LYS B 227 11.19 -7.54 -1.89
C LYS B 227 12.59 -8.13 -1.94
N GLY B 228 13.62 -7.29 -1.82
CA GLY B 228 14.97 -7.78 -1.87
C GLY B 228 15.54 -8.09 -0.50
N ILE B 229 14.88 -8.96 0.26
CA ILE B 229 15.33 -9.26 1.60
C ILE B 229 16.55 -10.19 1.60
N GLU B 230 16.76 -10.93 0.52
CA GLU B 230 17.89 -11.86 0.50
C GLU B 230 19.21 -11.11 0.59
N THR B 231 19.34 -10.02 -0.17
CA THR B 231 20.58 -9.25 -0.14
C THR B 231 20.80 -8.61 1.22
N ILE B 232 19.74 -8.06 1.82
CA ILE B 232 19.85 -7.45 3.14
C ILE B 232 20.30 -8.48 4.15
N LYS B 233 19.67 -9.65 4.16
CA LYS B 233 20.04 -10.68 5.11
C LYS B 233 21.47 -11.16 4.88
N SER B 234 21.85 -11.34 3.61
CA SER B 234 23.18 -11.86 3.31
C SER B 234 24.26 -10.88 3.75
N PHE B 235 24.02 -9.59 3.57
CA PHE B 235 25.01 -8.60 3.96
C PHE B 235 24.81 -8.07 5.38
N GLY B 236 23.78 -8.55 6.08
CA GLY B 236 23.55 -8.10 7.45
C GLY B 236 23.29 -6.61 7.55
N ALA B 237 22.63 -6.03 6.57
CA ALA B 237 22.32 -4.60 6.55
C ALA B 237 20.97 -4.29 7.15
N GLU B 238 20.48 -5.11 8.08
CA GLU B 238 19.16 -4.87 8.65
C GLU B 238 19.13 -3.57 9.43
N GLU B 239 20.22 -3.22 10.11
CA GLU B 239 20.25 -1.98 10.88
C GLU B 239 20.11 -0.76 9.98
N GLN B 240 20.80 -0.75 8.85
CA GLN B 240 20.70 0.40 7.95
C GLN B 240 19.30 0.55 7.39
N THR B 241 18.68 -0.56 6.97
CA THR B 241 17.32 -0.48 6.46
C THR B 241 16.36 -0.01 7.53
N GLU B 242 16.52 -0.50 8.76
CA GLU B 242 15.65 -0.07 9.85
C GLU B 242 15.81 1.42 10.10
N LYS B 243 17.06 1.92 10.11
CA LYS B 243 17.26 3.35 10.34
C LYS B 243 16.66 4.19 9.22
N SER B 244 16.83 3.76 7.97
CA SER B 244 16.28 4.52 6.85
C SER B 244 14.75 4.56 6.92
N THR B 245 14.13 3.42 7.22
CA THR B 245 12.67 3.41 7.33
C THR B 245 12.21 4.22 8.53
N ARG B 246 12.99 4.25 9.61
CA ARG B 246 12.65 5.12 10.74
C ARG B 246 12.70 6.58 10.33
N ASP B 247 13.70 6.95 9.52
CA ASP B 247 13.77 8.31 9.02
C ASP B 247 12.54 8.66 8.17
N LYS B 248 12.12 7.74 7.31
CA LYS B 248 10.98 8.03 6.46
C LYS B 248 9.68 8.09 7.26
N ILE B 249 9.54 7.24 8.27
CA ILE B 249 8.38 7.32 9.16
C ILE B 249 8.41 8.62 9.94
N GLU B 250 9.59 9.08 10.34
CA GLU B 250 9.68 10.35 11.04
C GLU B 250 9.25 11.50 10.15
N THR B 251 9.65 11.46 8.88
CA THR B 251 9.20 12.50 7.95
C THR B 251 7.68 12.45 7.75
N VAL B 252 7.12 11.24 7.67
CA VAL B 252 5.66 11.12 7.57
C VAL B 252 5.00 11.73 8.79
N MET B 253 5.55 11.45 9.98
CA MET B 253 4.99 12.02 11.20
C MET B 253 5.10 13.54 11.21
N LYS B 254 6.22 14.10 10.77
CA LYS B 254 6.33 15.56 10.76
C LYS B 254 5.29 16.17 9.84
N SER B 255 5.11 15.60 8.65
CA SER B 255 4.11 16.15 7.73
C SER B 255 2.70 16.00 8.31
N SER B 256 2.40 14.85 8.91
CA SER B 256 1.07 14.64 9.47
C SER B 256 0.82 15.58 10.65
N PHE B 257 1.85 15.85 11.45
CA PHE B 257 1.73 16.80 12.54
C PHE B 257 1.46 18.21 12.02
N LYS B 258 2.20 18.63 11.01
CA LYS B 258 1.99 19.97 10.47
C LYS B 258 0.63 20.10 9.79
N GLU B 259 0.06 18.99 9.29
CA GLU B 259 -1.31 19.05 8.80
C GLU B 259 -2.33 19.04 9.94
N GLY B 260 -2.06 18.27 11.00
CA GLY B 260 -2.99 18.19 12.11
C GLY B 260 -3.11 19.50 12.86
N MET B 261 -1.98 20.20 13.03
CA MET B 261 -2.05 21.55 13.58
C MET B 261 -2.92 22.45 12.73
N LEU B 262 -2.84 22.32 11.41
CA LEU B 262 -3.66 23.17 10.56
C LEU B 262 -5.14 22.86 10.74
N TYR B 263 -5.50 21.57 10.80
CA TYR B 263 -6.89 21.23 11.03
C TYR B 263 -7.38 21.71 12.39
N ILE B 264 -6.55 21.58 13.43
CA ILE B 264 -7.01 21.98 14.75
C ILE B 264 -7.12 23.50 14.85
N ASN B 265 -6.25 24.23 14.16
CA ASN B 265 -6.40 25.68 14.10
C ASN B 265 -7.71 26.05 13.41
N LEU B 266 -8.01 25.39 12.31
CA LEU B 266 -9.26 25.66 11.62
C LEU B 266 -10.46 25.38 12.53
N SER B 267 -10.44 24.24 13.19
CA SER B 267 -11.58 23.86 14.03
C SER B 267 -11.75 24.82 15.18
N SER B 268 -10.65 25.20 15.85
CA SER B 268 -10.77 26.12 16.98
C SER B 268 -11.25 27.50 16.53
N LEU B 269 -10.74 27.99 15.41
CA LEU B 269 -11.13 29.32 14.96
C LEU B 269 -12.60 29.34 14.55
N THR B 270 -13.04 28.31 13.82
CA THR B 270 -14.45 28.19 13.48
C THR B 270 -15.32 28.08 14.73
N GLY B 271 -14.87 27.32 15.72
CA GLY B 271 -15.64 27.19 16.94
C GLY B 271 -15.77 28.50 17.69
N ILE B 272 -14.69 29.28 17.77
CA ILE B 272 -14.77 30.59 18.40
C ILE B 272 -15.75 31.48 17.66
N VAL B 273 -15.68 31.48 16.32
CA VAL B 273 -16.61 32.30 15.55
C VAL B 273 -18.04 31.90 15.86
N ALA B 274 -18.33 30.60 15.87
CA ALA B 274 -19.70 30.14 16.13
C ALA B 274 -20.17 30.53 17.53
N GLY B 275 -19.35 30.23 18.55
CA GLY B 275 -19.78 30.49 19.91
C GLY B 275 -19.95 31.96 20.21
N LEU B 276 -18.97 32.78 19.80
CA LEU B 276 -19.09 34.21 20.02
C LEU B 276 -20.22 34.81 19.20
N GLY B 277 -20.49 34.27 18.00
CA GLY B 277 -21.64 34.74 17.26
C GLY B 277 -22.95 34.46 17.97
N GLY B 278 -23.09 33.25 18.53
CA GLY B 278 -24.27 32.95 19.30
C GLY B 278 -24.42 33.83 20.52
N ILE B 279 -23.32 34.04 21.24
CA ILE B 279 -23.37 34.86 22.46
C ILE B 279 -23.71 36.30 22.11
N VAL B 280 -23.13 36.83 21.03
CA VAL B 280 -23.43 38.20 20.61
C VAL B 280 -24.88 38.31 20.17
N ILE B 281 -25.40 37.28 19.50
CA ILE B 281 -26.81 37.29 19.12
C ILE B 281 -27.69 37.39 20.35
N LEU B 282 -27.42 36.55 21.36
CA LEU B 282 -28.22 36.62 22.58
C LEU B 282 -28.06 37.95 23.30
N TRP B 283 -26.83 38.49 23.32
CA TRP B 283 -26.59 39.76 23.99
C TRP B 283 -27.35 40.89 23.32
N ALA B 284 -27.31 40.95 21.99
CA ALA B 284 -28.05 41.98 21.26
C ALA B 284 -29.55 41.82 21.44
N GLY B 285 -30.03 40.58 21.42
CA GLY B 285 -31.45 40.34 21.64
C GLY B 285 -31.90 40.79 23.01
N ALA B 286 -31.12 40.47 24.04
CA ALA B 286 -31.45 40.91 25.39
C ALA B 286 -31.43 42.43 25.49
N TYR B 287 -30.43 43.07 24.88
CA TYR B 287 -30.38 44.53 24.93
C TYR B 287 -31.59 45.14 24.25
N ASN B 288 -31.98 44.59 23.11
CA ASN B 288 -33.15 45.13 22.41
C ASN B 288 -34.43 44.88 23.19
N VAL B 289 -34.51 43.75 23.89
CA VAL B 289 -35.68 43.47 24.72
C VAL B 289 -35.73 44.45 25.89
N ILE B 290 -34.57 44.83 26.43
CA ILE B 290 -34.53 45.77 27.55
C ILE B 290 -35.12 47.11 27.13
N LYS B 291 -34.70 47.62 25.99
CA LYS B 291 -35.36 48.77 25.39
C LYS B 291 -36.64 48.29 24.72
N GLY B 292 -37.38 49.21 24.10
CA GLY B 292 -38.53 48.74 23.34
C GLY B 292 -38.17 48.52 21.89
N ASN B 293 -37.77 47.29 21.55
CA ASN B 293 -37.57 46.91 20.17
C ASN B 293 -38.37 45.68 19.82
N MET B 294 -38.26 44.64 20.65
CA MET B 294 -38.93 43.37 20.44
C MET B 294 -39.57 42.92 21.75
N SER B 295 -40.02 41.66 21.76
CA SER B 295 -40.58 41.05 22.95
C SER B 295 -39.87 39.72 23.18
N GLY B 296 -39.91 39.25 24.43
CA GLY B 296 -39.18 38.06 24.82
C GLY B 296 -39.54 36.86 23.98
N GLY B 297 -40.83 36.73 23.67
CA GLY B 297 -41.24 35.67 22.77
C GLY B 297 -40.66 35.82 21.37
N GLN B 298 -40.58 37.07 20.89
CA GLN B 298 -39.98 37.29 19.58
C GLN B 298 -38.50 36.96 19.54
N LEU B 299 -37.80 37.14 20.66
CA LEU B 299 -36.40 36.72 20.72
C LEU B 299 -36.26 35.22 20.87
N LEU B 300 -37.12 34.60 21.67
CA LEU B 300 -37.07 33.14 21.81
C LEU B 300 -37.36 32.46 20.49
N ALA B 301 -38.33 32.98 19.72
CA ALA B 301 -38.62 32.39 18.42
C ALA B 301 -37.45 32.52 17.48
N PHE B 302 -36.79 33.69 17.46
CA PHE B 302 -35.63 33.88 16.61
C PHE B 302 -34.49 32.94 17.00
N ASN B 303 -34.26 32.79 18.31
CA ASN B 303 -33.22 31.88 18.77
C ASN B 303 -33.53 30.44 18.40
N ALA B 304 -34.80 30.04 18.52
CA ALA B 304 -35.19 28.70 18.09
C ALA B 304 -34.97 28.52 16.60
N LEU B 305 -35.26 29.56 15.82
CA LEU B 305 -35.13 29.48 14.37
C LEU B 305 -33.68 29.52 13.90
N LEU B 306 -32.78 30.08 14.70
CA LEU B 306 -31.36 30.09 14.33
C LEU B 306 -30.81 28.67 14.19
N ALA B 307 -31.42 27.70 14.86
CA ALA B 307 -30.95 26.32 14.77
C ALA B 307 -31.11 25.74 13.39
N TYR B 308 -31.86 26.39 12.51
CA TYR B 308 -32.02 25.94 11.14
C TYR B 308 -31.14 26.71 10.16
N PHE B 309 -30.38 27.69 10.62
CA PHE B 309 -29.55 28.51 9.73
C PHE B 309 -28.07 28.41 10.03
N LEU B 310 -27.66 28.63 11.28
CA LEU B 310 -26.24 28.59 11.60
C LEU B 310 -25.71 27.16 11.56
N THR B 311 -26.45 26.21 12.13
CA THR B 311 -25.99 24.83 12.12
C THR B 311 -25.78 24.26 10.72
N PRO B 312 -26.66 24.50 9.73
CA PRO B 312 -26.34 24.01 8.38
C PRO B 312 -25.05 24.58 7.81
N VAL B 313 -24.81 25.88 7.96
CA VAL B 313 -23.59 26.46 7.40
C VAL B 313 -22.36 25.93 8.12
N LYS B 314 -22.45 25.78 9.44
CA LYS B 314 -21.36 25.16 10.18
C LYS B 314 -21.12 23.74 9.68
N ASN B 315 -22.18 23.01 9.37
CA ASN B 315 -22.02 21.65 8.86
C ASN B 315 -21.34 21.64 7.50
N LEU B 316 -21.71 22.57 6.62
CA LEU B 316 -21.02 22.66 5.33
C LEU B 316 -19.54 22.98 5.51
N ILE B 317 -19.21 23.91 6.40
CA ILE B 317 -17.82 24.30 6.56
C ILE B 317 -16.99 23.24 7.26
N ASP B 318 -17.60 22.44 8.14
CA ASP B 318 -16.85 21.36 8.78
C ASP B 318 -16.35 20.34 7.76
N LEU B 319 -16.99 20.25 6.58
CA LEU B 319 -16.60 19.29 5.57
C LEU B 319 -15.27 19.64 4.91
N GLN B 320 -14.71 20.82 5.16
CA GLN B 320 -13.57 21.31 4.39
C GLN B 320 -12.39 20.34 4.36
N PRO B 321 -11.96 19.73 5.47
CA PRO B 321 -10.86 18.77 5.36
C PRO B 321 -11.15 17.62 4.41
N LEU B 322 -12.37 17.08 4.44
CA LEU B 322 -12.68 15.92 3.61
C LEU B 322 -12.66 16.27 2.14
N ILE B 323 -13.30 17.37 1.76
CA ILE B 323 -13.33 17.76 0.36
C ILE B 323 -11.95 18.16 -0.12
N GLN B 324 -11.17 18.84 0.73
CA GLN B 324 -9.81 19.19 0.33
C GLN B 324 -8.97 17.94 0.08
N THR B 325 -9.06 16.95 0.98
CA THR B 325 -8.29 15.73 0.79
C THR B 325 -8.73 15.00 -0.47
N ALA B 326 -10.03 14.96 -0.73
CA ALA B 326 -10.51 14.31 -1.93
C ALA B 326 -10.01 15.03 -3.18
N VAL B 327 -10.00 16.36 -3.16
CA VAL B 327 -9.54 17.10 -4.33
C VAL B 327 -8.06 16.86 -4.57
N VAL B 328 -7.26 16.85 -3.51
CA VAL B 328 -5.83 16.58 -3.68
C VAL B 328 -5.60 15.16 -4.20
N ALA B 329 -6.32 14.19 -3.66
CA ALA B 329 -6.19 12.82 -4.15
C ALA B 329 -6.59 12.71 -5.61
N SER B 330 -7.67 13.39 -5.99
CA SER B 330 -8.10 13.35 -7.38
C SER B 330 -7.08 14.00 -8.30
N ASN B 331 -6.49 15.11 -7.87
CA ASN B 331 -5.44 15.74 -8.69
C ASN B 331 -4.23 14.83 -8.82
N ARG B 332 -3.87 14.13 -7.74
CA ARG B 332 -2.73 13.22 -7.81
C ARG B 332 -3.02 12.07 -8.76
N LEU B 333 -4.25 11.54 -8.74
CA LEU B 333 -4.60 10.51 -9.71
C LEU B 333 -4.58 11.06 -11.13
N GLY B 334 -5.06 12.29 -11.32
CA GLY B 334 -5.11 12.87 -12.65
C GLY B 334 -3.77 13.27 -13.21
N GLU B 335 -2.77 13.45 -12.35
CA GLU B 335 -1.42 13.72 -12.85
C GLU B 335 -0.90 12.57 -13.72
N ILE B 336 -1.39 11.35 -13.50
CA ILE B 336 -0.99 10.22 -14.32
C ILE B 336 -1.91 10.06 -15.53
N LEU B 337 -3.22 10.24 -15.33
CA LEU B 337 -4.16 10.03 -16.42
C LEU B 337 -3.90 10.97 -17.58
N GLU B 338 -3.32 12.15 -17.32
CA GLU B 338 -3.02 13.08 -18.39
C GLU B 338 -1.88 12.61 -19.27
N LEU B 339 -1.05 11.68 -18.80
CA LEU B 339 0.08 11.22 -19.58
C LEU B 339 -0.40 10.46 -20.83
N ALA B 340 0.46 10.41 -21.83
CA ALA B 340 0.12 9.78 -23.10
C ALA B 340 0.53 8.32 -23.06
N THR B 341 -0.42 7.43 -23.33
CA THR B 341 -0.12 6.02 -23.36
C THR B 341 0.80 5.71 -24.54
N GLU B 342 1.21 4.44 -24.63
CA GLU B 342 2.09 4.03 -25.72
C GLU B 342 1.42 4.24 -27.07
N LYS B 343 0.21 3.71 -27.24
CA LYS B 343 -0.47 3.78 -28.53
C LYS B 343 -0.75 5.22 -28.92
N GLU B 344 -0.93 6.11 -27.95
CA GLU B 344 -1.20 7.50 -28.27
C GLU B 344 0.04 8.22 -28.79
N LEU B 345 1.23 7.68 -28.56
CA LEU B 345 2.43 8.34 -29.06
C LEU B 345 2.58 8.12 -30.56
N ARG B 346 2.74 6.87 -30.97
CA ARG B 346 2.82 6.56 -32.39
C ARG B 346 1.45 6.73 -33.03
N GLU B 347 1.45 7.20 -34.27
CA GLU B 347 0.23 7.38 -35.03
C GLU B 347 0.26 6.46 -36.24
N ASP B 348 -0.93 6.24 -36.81
CA ASP B 348 -1.11 5.40 -37.99
C ASP B 348 -0.87 3.93 -37.67
N SER B 349 -1.51 3.02 -38.40
CA SER B 349 -1.38 1.60 -38.14
C SER B 349 -1.16 0.76 -39.39
N ASP B 350 -1.30 1.31 -40.59
CA ASP B 350 -1.11 0.58 -41.84
C ASP B 350 -2.10 -0.58 -41.96
N ASP B 351 -1.95 -1.58 -41.11
CA ASP B 351 -2.82 -2.76 -40.99
C ASP B 351 -2.75 -3.66 -42.21
N PHE B 352 -2.03 -3.27 -43.26
CA PHE B 352 -1.90 -4.11 -44.43
C PHE B 352 -0.88 -5.22 -44.24
N VAL B 353 -0.01 -5.11 -43.23
CA VAL B 353 1.05 -6.08 -42.99
C VAL B 353 0.62 -7.01 -41.87
N ILE B 354 0.76 -8.31 -42.12
CA ILE B 354 0.45 -9.35 -41.14
C ILE B 354 1.54 -10.39 -41.04
N SER B 355 2.46 -10.43 -42.00
CA SER B 355 3.40 -11.53 -42.19
C SER B 355 4.82 -11.04 -41.93
N LEU B 356 5.01 -10.37 -40.80
CA LEU B 356 6.31 -9.86 -40.39
C LEU B 356 7.33 -11.00 -40.37
N LYS B 357 8.27 -10.98 -41.32
CA LYS B 357 9.19 -12.10 -41.50
C LYS B 357 10.39 -11.65 -42.31
N GLY B 358 11.57 -11.72 -41.72
CA GLY B 358 12.81 -11.58 -42.45
C GLY B 358 13.15 -10.17 -42.91
N ASP B 359 14.43 -9.95 -43.22
CA ASP B 359 14.93 -8.67 -43.71
C ASP B 359 14.62 -7.54 -42.72
N ILE B 360 15.25 -7.64 -41.55
CA ILE B 360 15.21 -6.55 -40.58
C ILE B 360 16.33 -5.57 -40.90
N GLU B 361 15.99 -4.29 -40.97
CA GLU B 361 16.93 -3.27 -41.42
C GLU B 361 16.99 -2.13 -40.40
N PHE B 362 18.20 -1.74 -40.03
CA PHE B 362 18.44 -0.54 -39.23
C PHE B 362 19.01 0.52 -40.15
N ARG B 363 18.32 1.65 -40.26
CA ARG B 363 18.69 2.70 -41.21
C ARG B 363 19.11 3.95 -40.44
N ASN B 364 20.42 4.08 -40.22
CA ASN B 364 21.01 5.25 -39.57
C ASN B 364 20.32 5.55 -38.23
N VAL B 365 20.12 4.50 -37.45
CA VAL B 365 19.43 4.63 -36.17
C VAL B 365 20.35 5.31 -35.16
N ASP B 366 19.79 6.25 -34.40
CA ASP B 366 20.49 6.91 -33.32
C ASP B 366 19.60 6.88 -32.09
N PHE B 367 20.13 6.47 -30.96
CA PHE B 367 19.36 6.38 -29.73
C PHE B 367 20.15 6.89 -28.55
N ARG B 368 19.42 7.37 -27.54
CA ARG B 368 20.01 8.01 -26.38
C ARG B 368 18.99 7.94 -25.25
N TYR B 369 19.37 7.34 -24.13
CA TYR B 369 18.43 7.15 -23.03
C TYR B 369 18.24 8.46 -22.30
N GLY B 370 17.18 9.19 -22.60
CA GLY B 370 16.96 10.45 -21.93
C GLY B 370 18.02 11.46 -22.30
N LEU B 371 18.74 11.96 -21.30
CA LEU B 371 19.75 13.00 -21.51
C LEU B 371 21.18 12.48 -21.41
N ARG B 372 21.37 11.19 -21.15
CA ARG B 372 22.72 10.64 -21.06
C ARG B 372 23.38 10.67 -22.44
N LYS B 373 24.68 10.38 -22.47
CA LYS B 373 25.40 10.35 -23.73
C LYS B 373 24.79 9.32 -24.67
N PRO B 374 24.83 9.55 -25.98
CA PRO B 374 24.18 8.61 -26.90
C PRO B 374 24.92 7.28 -26.94
N VAL B 375 24.32 6.25 -26.35
CA VAL B 375 24.92 4.93 -26.33
C VAL B 375 24.82 4.24 -27.68
N LEU B 376 23.93 4.69 -28.55
CA LEU B 376 23.62 3.95 -29.77
C LEU B 376 23.76 4.95 -30.91
N LYS B 377 24.96 5.07 -31.45
CA LYS B 377 25.23 6.04 -32.50
C LYS B 377 24.79 5.48 -33.84
N ASN B 378 25.23 6.12 -34.91
CA ASN B 378 24.85 5.74 -36.26
C ASN B 378 25.20 4.27 -36.54
N ILE B 379 24.16 3.46 -36.73
CA ILE B 379 24.31 2.05 -37.09
C ILE B 379 23.40 1.71 -38.26
N ASN B 380 23.95 0.96 -39.22
CA ASN B 380 23.20 0.45 -40.36
C ASN B 380 23.54 -1.03 -40.48
N LEU B 381 22.66 -1.90 -39.98
CA LEU B 381 22.86 -3.34 -40.05
C LEU B 381 21.63 -3.99 -40.66
N THR B 382 21.87 -4.98 -41.52
CA THR B 382 20.82 -5.73 -42.17
C THR B 382 20.93 -7.20 -41.80
N ILE B 383 19.78 -7.86 -41.71
CA ILE B 383 19.71 -9.25 -41.28
C ILE B 383 19.03 -10.04 -42.40
N PRO B 384 19.62 -11.13 -42.89
CA PRO B 384 18.99 -11.88 -43.98
C PRO B 384 17.73 -12.59 -43.53
N LYS B 385 16.91 -12.96 -44.50
CA LYS B 385 15.63 -13.57 -44.23
C LYS B 385 15.80 -14.95 -43.62
N GLY B 386 15.25 -15.14 -42.43
CA GLY B 386 15.21 -16.45 -41.79
C GLY B 386 16.57 -17.07 -41.52
N LYS B 387 17.50 -16.30 -40.97
CA LYS B 387 18.84 -16.79 -40.70
C LYS B 387 19.19 -16.53 -39.24
N THR B 388 20.10 -17.36 -38.72
CA THR B 388 20.51 -17.28 -37.31
C THR B 388 21.71 -16.35 -37.23
N VAL B 389 21.49 -15.12 -36.76
CA VAL B 389 22.55 -14.14 -36.66
C VAL B 389 22.88 -13.91 -35.19
N ALA B 390 24.08 -13.39 -34.95
CA ALA B 390 24.56 -13.19 -33.59
C ALA B 390 25.12 -11.78 -33.42
N ILE B 391 25.03 -11.27 -32.20
CA ILE B 391 25.54 -9.95 -31.84
C ILE B 391 26.60 -10.15 -30.76
N VAL B 392 27.79 -9.59 -30.99
CA VAL B 392 28.90 -9.71 -30.06
C VAL B 392 29.42 -8.31 -29.75
N GLY B 393 29.58 -8.00 -28.47
CA GLY B 393 30.12 -6.73 -28.07
C GLY B 393 30.75 -6.78 -26.69
N GLU B 394 30.98 -5.62 -26.10
CA GLU B 394 31.55 -5.52 -24.76
C GLU B 394 30.48 -5.02 -23.80
N SER B 395 30.73 -5.24 -22.51
CA SER B 395 29.77 -4.86 -21.48
C SER B 395 29.59 -3.35 -21.45
N GLY B 396 28.43 -2.88 -21.88
CA GLY B 396 28.19 -1.45 -21.93
C GLY B 396 27.75 -1.00 -23.30
N SER B 397 27.86 -1.89 -24.28
CA SER B 397 27.43 -1.60 -25.63
C SER B 397 25.92 -1.77 -25.75
N GLY B 398 25.39 -1.52 -26.95
CA GLY B 398 23.96 -1.57 -27.13
C GLY B 398 23.39 -2.87 -27.66
N LYS B 399 23.63 -3.99 -26.99
CA LYS B 399 23.02 -5.23 -27.45
C LYS B 399 21.58 -5.34 -26.99
N THR B 400 21.36 -5.35 -25.67
CA THR B 400 20.00 -5.36 -25.17
C THR B 400 19.23 -4.11 -25.60
N THR B 401 19.93 -3.00 -25.86
CA THR B 401 19.27 -1.84 -26.41
C THR B 401 18.72 -2.12 -27.80
N LEU B 402 19.48 -2.79 -28.65
CA LEU B 402 18.93 -3.23 -29.94
C LEU B 402 17.76 -4.17 -29.74
N ALA B 403 17.86 -5.09 -28.80
CA ALA B 403 16.77 -6.04 -28.59
C ALA B 403 15.49 -5.33 -28.18
N LYS B 404 15.58 -4.37 -27.27
CA LYS B 404 14.40 -3.66 -26.80
C LYS B 404 13.90 -2.69 -27.86
N LEU B 405 14.81 -2.09 -28.63
CA LEU B 405 14.42 -1.17 -29.68
C LEU B 405 13.69 -1.87 -30.82
N LEU B 406 14.05 -3.13 -31.09
CA LEU B 406 13.38 -3.87 -32.14
C LEU B 406 11.94 -4.20 -31.80
N MET B 407 11.61 -4.32 -30.51
CA MET B 407 10.25 -4.59 -30.09
C MET B 407 9.51 -3.33 -29.68
N ASN B 408 10.08 -2.16 -29.98
CA ASN B 408 9.38 -0.88 -29.83
C ASN B 408 8.99 -0.60 -28.39
N PHE B 409 9.91 -0.85 -27.45
CA PHE B 409 9.77 -0.26 -26.13
C PHE B 409 10.09 1.22 -26.15
N TYR B 410 11.13 1.60 -26.88
CA TYR B 410 11.54 2.99 -27.01
C TYR B 410 11.69 3.32 -28.49
N SER B 411 11.47 4.55 -28.82
CA SER B 411 11.67 4.84 -30.24
C SER B 411 12.98 5.55 -30.47
N PRO B 412 13.62 5.33 -31.61
CA PRO B 412 14.89 6.00 -31.90
C PRO B 412 14.72 7.48 -32.15
N GLU B 413 15.81 8.16 -32.52
CA GLU B 413 15.81 9.61 -32.68
C GLU B 413 15.82 10.06 -34.14
N LYS B 414 16.77 9.59 -34.92
CA LYS B 414 16.96 10.05 -36.29
C LYS B 414 17.15 8.89 -37.24
N GLY B 415 16.30 7.87 -37.11
CA GLY B 415 16.43 6.70 -37.97
C GLY B 415 15.11 5.97 -38.12
N ASP B 416 15.13 4.99 -39.02
CA ASP B 416 13.98 4.15 -39.29
C ASP B 416 14.39 2.69 -39.18
N ILE B 417 13.47 1.86 -38.66
CA ILE B 417 13.65 0.42 -38.62
C ILE B 417 12.64 -0.19 -39.58
N LEU B 418 13.12 -0.92 -40.57
CA LEU B 418 12.29 -1.47 -41.63
C LEU B 418 12.31 -2.98 -41.57
N ILE B 419 11.12 -3.58 -41.57
CA ILE B 419 10.97 -5.03 -41.64
C ILE B 419 10.34 -5.36 -43.00
N ASN B 420 11.08 -6.06 -43.84
CA ASN B 420 10.60 -6.47 -45.16
C ASN B 420 10.14 -5.26 -45.97
N GLY B 421 10.85 -4.14 -45.82
CA GLY B 421 10.49 -2.93 -46.53
C GLY B 421 9.39 -2.10 -45.91
N HIS B 422 8.93 -2.47 -44.71
CA HIS B 422 7.91 -1.72 -44.00
C HIS B 422 8.50 -1.19 -42.71
N SER B 423 8.25 0.09 -42.41
CA SER B 423 8.83 0.70 -41.24
C SER B 423 8.21 0.17 -39.96
N ILE B 424 9.03 0.12 -38.90
CA ILE B 424 8.53 -0.31 -37.59
C ILE B 424 7.49 0.68 -37.07
N LYS B 425 7.59 1.94 -37.48
CA LYS B 425 6.67 2.95 -36.99
C LYS B 425 5.26 2.74 -37.53
N ASN B 426 5.12 2.03 -38.65
CA ASN B 426 3.82 1.80 -39.28
C ASN B 426 3.35 0.36 -39.12
N ILE B 427 3.62 -0.24 -37.97
CA ILE B 427 3.13 -1.57 -37.65
C ILE B 427 2.48 -1.52 -36.28
N SER B 428 1.27 -2.08 -36.18
CA SER B 428 0.51 -1.99 -34.93
C SER B 428 1.29 -2.64 -33.79
N LEU B 429 1.13 -2.08 -32.59
CA LEU B 429 1.89 -2.58 -31.45
C LEU B 429 1.55 -4.03 -31.14
N GLU B 430 0.26 -4.37 -31.21
CA GLU B 430 -0.15 -5.74 -30.88
C GLU B 430 0.49 -6.75 -31.82
N LEU B 431 0.59 -6.41 -33.11
CA LEU B 431 1.27 -7.30 -34.04
C LEU B 431 2.73 -7.51 -33.64
N ILE B 432 3.40 -6.43 -33.24
CA ILE B 432 4.82 -6.54 -32.89
C ILE B 432 4.99 -7.40 -31.64
N ARG B 433 4.19 -7.14 -30.61
CA ARG B 433 4.32 -7.90 -29.37
C ARG B 433 4.01 -9.37 -29.60
N LYS B 434 2.98 -9.67 -30.39
CA LYS B 434 2.61 -11.07 -30.60
C LYS B 434 3.61 -11.79 -31.49
N LYS B 435 4.17 -11.12 -32.49
CA LYS B 435 4.94 -11.79 -33.52
C LYS B 435 6.44 -11.85 -33.24
N ILE B 436 6.93 -11.13 -32.23
CA ILE B 436 8.35 -11.12 -31.90
C ILE B 436 8.50 -11.54 -30.44
N ALA B 437 9.35 -12.53 -30.20
CA ALA B 437 9.57 -13.07 -28.86
C ALA B 437 10.95 -12.67 -28.38
N PHE B 438 11.06 -12.41 -27.07
CA PHE B 438 12.30 -11.92 -26.47
C PHE B 438 12.53 -12.68 -25.18
N VAL B 439 13.72 -13.27 -25.05
CA VAL B 439 14.07 -14.09 -23.90
C VAL B 439 15.19 -13.38 -23.18
N SER B 440 14.86 -12.56 -22.19
CA SER B 440 15.84 -11.77 -21.48
C SER B 440 16.51 -12.61 -20.40
N GLN B 441 17.25 -11.96 -19.52
CA GLN B 441 17.92 -12.65 -18.42
C GLN B 441 17.17 -12.54 -17.10
N ASP B 442 16.26 -11.57 -16.98
CA ASP B 442 15.44 -11.40 -15.78
C ASP B 442 14.12 -12.09 -16.02
N VAL B 443 14.07 -13.38 -15.73
CA VAL B 443 12.87 -14.16 -15.91
C VAL B 443 11.89 -13.83 -14.79
N PHE B 444 10.65 -13.53 -15.17
CA PHE B 444 9.61 -13.19 -14.21
C PHE B 444 8.54 -14.28 -14.24
N ILE B 445 8.20 -14.80 -13.07
CA ILE B 445 7.20 -15.85 -12.94
C ILE B 445 6.14 -15.39 -11.96
N PHE B 446 4.90 -15.35 -12.41
CA PHE B 446 3.81 -14.81 -11.60
C PHE B 446 3.33 -15.87 -10.62
N SER B 447 2.54 -15.42 -9.65
CA SER B 447 1.91 -16.33 -8.70
C SER B 447 0.73 -17.01 -9.37
N GLY B 448 0.68 -18.32 -9.23
CA GLY B 448 -0.38 -19.11 -9.83
C GLY B 448 0.16 -20.43 -10.32
N THR B 449 -0.72 -21.21 -10.92
CA THR B 449 -0.32 -22.51 -11.43
C THR B 449 0.59 -22.36 -12.63
N VAL B 450 1.32 -23.42 -12.95
CA VAL B 450 2.27 -23.37 -14.06
C VAL B 450 1.53 -23.18 -15.38
N LYS B 451 0.35 -23.79 -15.51
CA LYS B 451 -0.43 -23.64 -16.74
C LYS B 451 -0.70 -22.17 -17.04
N GLU B 452 -1.01 -21.38 -16.01
CA GLU B 452 -1.21 -19.95 -16.22
C GLU B 452 0.11 -19.27 -16.59
N ASN B 453 1.18 -19.58 -15.87
CA ASN B 453 2.46 -18.95 -16.17
C ASN B 453 2.98 -19.37 -17.53
N LEU B 454 2.83 -20.64 -17.88
CA LEU B 454 3.32 -21.13 -19.15
C LEU B 454 2.45 -20.68 -20.33
N ALA B 455 1.25 -20.20 -20.06
CA ALA B 455 0.36 -19.66 -21.11
C ALA B 455 -0.17 -18.32 -20.59
N LEU B 456 0.58 -17.25 -20.84
CA LEU B 456 0.24 -15.92 -20.37
C LEU B 456 -0.42 -15.07 -21.44
N GLY B 457 0.10 -15.08 -22.65
CA GLY B 457 -0.43 -14.24 -23.71
C GLY B 457 -1.86 -14.58 -24.07
N ASN B 458 -2.07 -15.78 -24.61
CA ASN B 458 -3.39 -16.20 -25.07
C ASN B 458 -3.96 -17.24 -24.12
N GLU B 459 -5.16 -16.96 -23.60
CA GLU B 459 -5.84 -17.85 -22.67
C GLU B 459 -6.78 -18.78 -23.43
N ASN B 460 -6.26 -19.41 -24.49
CA ASN B 460 -7.08 -20.28 -25.33
C ASN B 460 -6.40 -21.56 -25.77
N VAL B 461 -5.10 -21.74 -25.54
CA VAL B 461 -4.38 -22.85 -26.14
C VAL B 461 -4.78 -24.17 -25.48
N ASP B 462 -4.84 -25.23 -26.26
CA ASP B 462 -5.09 -26.55 -25.73
C ASP B 462 -3.81 -27.13 -25.15
N MET B 463 -3.98 -28.13 -24.29
CA MET B 463 -2.84 -28.72 -23.59
C MET B 463 -1.83 -29.34 -24.54
N ASP B 464 -2.24 -29.76 -25.74
CA ASP B 464 -1.27 -30.35 -26.66
C ASP B 464 -0.21 -29.35 -27.05
N GLU B 465 -0.60 -28.11 -27.33
CA GLU B 465 0.38 -27.09 -27.69
C GLU B 465 1.29 -26.76 -26.51
N ILE B 466 0.74 -26.68 -25.30
CA ILE B 466 1.56 -26.38 -24.14
C ILE B 466 2.59 -27.48 -23.92
N ILE B 467 2.16 -28.74 -24.04
CA ILE B 467 3.09 -29.85 -23.86
C ILE B 467 4.15 -29.86 -24.96
N LYS B 468 3.76 -29.56 -26.19
CA LYS B 468 4.74 -29.51 -27.27
C LYS B 468 5.78 -28.42 -27.02
N ALA B 469 5.32 -27.24 -26.60
CA ALA B 469 6.24 -26.15 -26.32
C ALA B 469 7.15 -26.49 -25.15
N ALA B 470 6.61 -27.10 -24.10
CA ALA B 470 7.43 -27.46 -22.95
C ALA B 470 8.46 -28.52 -23.30
N LYS B 471 8.07 -29.52 -24.10
CA LYS B 471 9.02 -30.53 -24.53
C LYS B 471 10.09 -29.94 -25.42
N MET B 472 9.73 -28.94 -26.23
CA MET B 472 10.72 -28.30 -27.08
C MET B 472 11.80 -27.61 -26.26
N ALA B 473 11.42 -27.00 -25.14
CA ALA B 473 12.36 -26.29 -24.29
C ALA B 473 13.00 -27.19 -23.24
N ASN B 474 12.72 -28.49 -23.29
CA ASN B 474 13.22 -29.47 -22.33
C ASN B 474 12.85 -29.01 -20.92
N ALA B 475 11.61 -28.56 -20.77
CA ALA B 475 11.04 -28.23 -19.48
C ALA B 475 10.05 -29.28 -19.00
N HIS B 476 9.88 -30.36 -19.76
CA HIS B 476 8.86 -31.35 -19.42
C HIS B 476 9.30 -32.23 -18.26
N ASP B 477 10.59 -32.47 -18.11
CA ASP B 477 11.08 -33.32 -17.03
C ASP B 477 10.73 -32.72 -15.66
N PHE B 478 11.28 -31.55 -15.35
CA PHE B 478 11.12 -31.00 -14.01
C PHE B 478 9.66 -30.70 -13.72
N ILE B 479 8.89 -30.36 -14.77
CA ILE B 479 7.49 -30.06 -14.55
C ILE B 479 6.72 -31.35 -14.28
N GLU B 480 7.16 -32.46 -14.85
CA GLU B 480 6.60 -33.75 -14.46
C GLU B 480 6.94 -34.07 -13.01
N LYS B 481 8.16 -33.75 -12.59
CA LYS B 481 8.58 -34.09 -11.23
C LYS B 481 7.80 -33.32 -10.17
N LEU B 482 7.15 -32.22 -10.54
CA LEU B 482 6.40 -31.42 -9.60
C LEU B 482 5.19 -32.22 -9.10
N PRO B 483 4.67 -31.89 -7.91
CA PRO B 483 3.58 -32.69 -7.33
C PRO B 483 2.34 -32.76 -8.22
N LEU B 484 1.74 -31.62 -8.53
CA LEU B 484 0.51 -31.59 -9.32
C LEU B 484 0.79 -31.38 -10.81
N LYS B 485 1.72 -32.17 -11.36
CA LYS B 485 2.11 -32.09 -12.76
C LYS B 485 2.16 -30.66 -13.29
N TYR B 486 1.23 -30.30 -14.17
CA TYR B 486 1.16 -28.96 -14.73
C TYR B 486 0.30 -28.02 -13.90
N ASP B 487 -0.30 -28.50 -12.82
CA ASP B 487 -1.22 -27.70 -12.01
C ASP B 487 -0.64 -27.31 -10.67
N THR B 488 0.66 -27.49 -10.47
CA THR B 488 1.27 -27.08 -9.21
C THR B 488 1.27 -25.57 -9.07
N PHE B 489 1.23 -25.10 -7.82
CA PHE B 489 1.20 -23.69 -7.53
C PHE B 489 2.61 -23.14 -7.38
N LEU B 490 2.83 -21.93 -7.90
CA LEU B 490 4.13 -21.26 -7.83
C LEU B 490 4.02 -20.01 -6.97
N ASN B 491 4.94 -19.86 -6.03
CA ASN B 491 4.91 -18.71 -5.14
C ASN B 491 5.29 -17.44 -5.91
N GLU B 492 5.12 -16.31 -5.26
CA GLU B 492 5.37 -15.03 -5.93
C GLU B 492 6.83 -14.93 -6.35
N SER B 493 7.03 -14.40 -7.56
CA SER B 493 8.35 -14.32 -8.19
C SER B 493 8.98 -15.68 -8.40
N GLY B 494 8.17 -16.73 -8.41
CA GLY B 494 8.65 -18.05 -8.76
C GLY B 494 9.69 -18.61 -7.82
N ALA B 495 9.69 -18.18 -6.56
CA ALA B 495 10.66 -18.69 -5.59
C ALA B 495 10.48 -20.17 -5.36
N ASN B 496 9.33 -20.74 -5.76
CA ASN B 496 9.09 -22.17 -5.63
C ASN B 496 10.00 -23.00 -6.52
N LEU B 497 10.62 -22.39 -7.54
CA LEU B 497 11.48 -23.09 -8.47
C LEU B 497 12.91 -22.58 -8.34
N SER B 498 13.81 -23.21 -9.09
CA SER B 498 15.20 -22.80 -9.13
C SER B 498 15.42 -21.79 -10.25
N GLU B 499 16.65 -21.32 -10.38
CA GLU B 499 16.95 -20.36 -11.44
C GLU B 499 16.91 -21.03 -12.82
N GLY B 500 17.52 -22.21 -12.94
CA GLY B 500 17.49 -22.91 -14.21
C GLY B 500 16.09 -23.32 -14.61
N GLN B 501 15.30 -23.79 -13.66
CA GLN B 501 13.92 -24.16 -13.95
C GLN B 501 13.12 -22.95 -14.40
N LYS B 502 13.31 -21.81 -13.73
CA LYS B 502 12.60 -20.60 -14.14
C LYS B 502 12.99 -20.16 -15.53
N GLN B 503 14.29 -20.20 -15.84
CA GLN B 503 14.74 -19.82 -17.18
C GLN B 503 14.15 -20.75 -18.23
N ARG B 504 14.14 -22.05 -17.96
CA ARG B 504 13.59 -23.00 -18.93
C ARG B 504 12.10 -22.80 -19.11
N LEU B 505 11.39 -22.52 -18.02
CA LEU B 505 9.96 -22.27 -18.14
C LEU B 505 9.69 -21.00 -18.93
N ALA B 506 10.51 -19.96 -18.74
CA ALA B 506 10.33 -18.73 -19.50
C ALA B 506 10.61 -18.94 -20.98
N ILE B 507 11.66 -19.70 -21.30
CA ILE B 507 11.93 -19.94 -22.72
C ILE B 507 10.83 -20.79 -23.34
N ALA B 508 10.27 -21.73 -22.56
CA ALA B 508 9.14 -22.49 -23.06
C ALA B 508 7.93 -21.58 -23.33
N ARG B 509 7.68 -20.64 -22.42
CA ARG B 509 6.58 -19.70 -22.63
C ARG B 509 6.80 -18.87 -23.88
N ALA B 510 8.04 -18.42 -24.11
CA ALA B 510 8.33 -17.67 -25.32
C ALA B 510 8.13 -18.53 -26.56
N LEU B 511 8.56 -19.79 -26.51
CA LEU B 511 8.41 -20.66 -27.67
C LEU B 511 6.96 -20.97 -27.96
N LEU B 512 6.12 -20.96 -26.93
CA LEU B 512 4.69 -21.20 -27.12
C LEU B 512 4.04 -20.10 -27.95
N LYS B 513 4.64 -18.92 -27.97
CA LYS B 513 4.08 -17.79 -28.69
C LYS B 513 4.03 -18.02 -30.19
N LYS B 514 4.81 -18.98 -30.69
CA LYS B 514 4.97 -19.22 -32.12
C LYS B 514 5.39 -17.94 -32.81
N PRO B 515 6.61 -17.46 -32.58
CA PRO B 515 7.02 -16.16 -33.09
C PRO B 515 7.69 -16.27 -34.46
N ASP B 516 7.96 -15.10 -35.04
CA ASP B 516 8.70 -15.02 -36.30
C ASP B 516 10.07 -14.38 -36.14
N ILE B 517 10.26 -13.57 -35.10
CA ILE B 517 11.54 -12.95 -34.79
C ILE B 517 11.84 -13.28 -33.34
N LEU B 518 12.79 -14.17 -33.11
CA LEU B 518 13.09 -14.66 -31.76
C LEU B 518 14.44 -14.13 -31.33
N ILE B 519 14.47 -13.39 -30.22
CA ILE B 519 15.70 -12.82 -29.68
C ILE B 519 16.03 -13.58 -28.41
N LEU B 520 17.23 -14.15 -28.35
CA LEU B 520 17.71 -14.88 -27.20
C LEU B 520 18.86 -14.11 -26.57
N ASP B 521 18.77 -13.87 -25.26
CA ASP B 521 19.80 -13.15 -24.52
C ASP B 521 20.38 -14.14 -23.51
N GLU B 522 21.43 -14.84 -23.92
CA GLU B 522 22.07 -15.83 -23.07
C GLU B 522 22.80 -15.16 -21.90
N ASP B 545 11.93 -21.31 -41.06
CA ASP B 545 12.05 -19.98 -41.64
C ASP B 545 11.72 -18.90 -40.61
N VAL B 546 12.25 -19.05 -39.41
CA VAL B 546 12.05 -18.12 -38.31
C VAL B 546 13.39 -17.48 -37.98
N THR B 547 13.45 -16.16 -38.10
CA THR B 547 14.71 -15.45 -37.84
C THR B 547 14.97 -15.39 -36.35
N VAL B 548 16.18 -15.75 -35.94
CA VAL B 548 16.57 -15.73 -34.54
C VAL B 548 17.86 -14.94 -34.39
N ILE B 549 17.90 -14.07 -33.40
CA ILE B 549 19.06 -13.25 -33.08
C ILE B 549 19.54 -13.65 -31.69
N ILE B 550 20.77 -14.12 -31.60
CA ILE B 550 21.34 -14.60 -30.35
C ILE B 550 22.29 -13.54 -29.82
N ILE B 551 22.06 -13.09 -28.59
CA ILE B 551 22.93 -12.11 -27.95
C ILE B 551 23.78 -12.81 -26.91
N ALA B 552 24.97 -13.26 -27.30
CA ALA B 552 25.80 -14.10 -26.45
C ALA B 552 27.07 -13.37 -26.07
N HIS B 553 27.43 -13.48 -24.78
CA HIS B 553 28.65 -12.89 -24.26
C HIS B 553 29.86 -13.81 -24.39
N ARG B 554 29.64 -15.08 -24.70
CA ARG B 554 30.72 -16.06 -24.83
C ARG B 554 30.96 -16.33 -26.31
N LEU B 555 32.20 -16.16 -26.75
CA LEU B 555 32.51 -16.33 -28.16
C LEU B 555 32.53 -17.79 -28.59
N SER B 556 32.64 -18.72 -27.63
CA SER B 556 32.70 -20.14 -27.99
C SER B 556 31.39 -20.60 -28.62
N THR B 557 30.26 -20.11 -28.11
CA THR B 557 28.95 -20.49 -28.65
C THR B 557 28.55 -19.65 -29.86
N ILE B 558 29.33 -18.64 -30.22
CA ILE B 558 28.97 -17.80 -31.35
C ILE B 558 29.36 -18.45 -32.66
N VAL B 559 30.39 -19.29 -32.66
CA VAL B 559 30.85 -19.93 -33.89
C VAL B 559 29.72 -20.75 -34.50
N ASN B 560 29.71 -20.81 -35.83
CA ASN B 560 28.69 -21.53 -36.59
C ASN B 560 27.30 -20.93 -36.38
N LEU B 561 27.21 -19.61 -36.55
CA LEU B 561 25.95 -18.89 -36.46
C LEU B 561 25.84 -17.88 -37.60
N ASP B 562 26.10 -18.35 -38.82
CA ASP B 562 25.93 -17.54 -40.03
C ASP B 562 26.69 -16.22 -39.94
N LYS B 563 25.98 -15.13 -39.64
CA LYS B 563 26.57 -13.80 -39.61
C LYS B 563 26.68 -13.30 -38.18
N ILE B 564 27.80 -12.65 -37.88
CA ILE B 564 28.10 -12.12 -36.55
C ILE B 564 28.36 -10.63 -36.69
N TYR B 565 27.73 -9.84 -35.83
CA TYR B 565 27.87 -8.39 -35.85
C TYR B 565 28.66 -7.95 -34.62
N LEU B 566 29.81 -7.31 -34.87
CA LEU B 566 30.64 -6.79 -33.79
C LEU B 566 30.20 -5.36 -33.50
N LEU B 567 29.67 -5.13 -32.32
CA LEU B 567 29.09 -3.85 -31.92
C LEU B 567 30.02 -3.22 -30.89
N LYS B 568 30.76 -2.20 -31.32
CA LYS B 568 31.68 -1.49 -30.45
C LYS B 568 31.43 0.00 -30.55
N ASP B 569 31.50 0.69 -29.42
CA ASP B 569 31.35 2.15 -29.37
C ASP B 569 30.03 2.59 -30.01
N GLY B 570 28.99 1.79 -29.81
CA GLY B 570 27.70 2.10 -30.39
C GLY B 570 27.69 2.12 -31.91
N GLU B 571 28.50 1.27 -32.54
CA GLU B 571 28.49 1.16 -33.99
C GLU B 571 29.01 -0.21 -34.38
N ILE B 572 28.54 -0.70 -35.54
CA ILE B 572 28.97 -2.00 -36.03
C ILE B 572 30.34 -1.83 -36.66
N VAL B 573 31.38 -2.22 -35.93
CA VAL B 573 32.73 -2.09 -36.48
C VAL B 573 32.96 -3.10 -37.60
N GLU B 574 32.52 -4.34 -37.41
CA GLU B 574 32.75 -5.38 -38.40
C GLU B 574 31.57 -6.35 -38.39
N SER B 575 31.43 -7.08 -39.50
CA SER B 575 30.34 -8.03 -39.66
C SER B 575 30.76 -9.11 -40.63
N GLY B 576 30.05 -10.23 -40.59
CA GLY B 576 30.28 -11.34 -41.48
C GLY B 576 30.30 -12.63 -40.71
N SER B 577 30.65 -13.71 -41.42
CA SER B 577 30.76 -15.01 -40.78
C SER B 577 32.01 -15.07 -39.91
N HIS B 578 32.04 -16.07 -39.02
CA HIS B 578 33.15 -16.21 -38.08
C HIS B 578 34.48 -16.29 -38.80
N THR B 579 34.55 -17.10 -39.87
CA THR B 579 35.79 -17.28 -40.59
C THR B 579 36.28 -15.98 -41.20
N GLU B 580 35.36 -15.17 -41.72
CA GLU B 580 35.76 -13.89 -42.30
C GLU B 580 36.37 -12.96 -41.26
N LEU B 581 35.75 -12.87 -40.08
CA LEU B 581 36.30 -12.02 -39.04
C LEU B 581 37.65 -12.55 -38.54
N ILE B 582 37.81 -13.87 -38.49
CA ILE B 582 39.12 -14.43 -38.13
C ILE B 582 40.16 -14.05 -39.17
N ALA B 583 39.81 -14.15 -40.45
CA ALA B 583 40.76 -13.86 -41.51
C ALA B 583 41.14 -12.38 -41.55
N LEU B 584 40.18 -11.49 -41.27
CA LEU B 584 40.44 -10.06 -41.33
C LEU B 584 41.32 -9.55 -40.19
N LYS B 585 41.56 -10.36 -39.16
CA LYS B 585 42.40 -9.99 -38.03
C LYS B 585 41.96 -8.67 -37.39
N GLY B 586 40.65 -8.50 -37.23
CA GLY B 586 40.09 -7.32 -36.64
C GLY B 586 40.04 -7.41 -35.13
N ALA B 587 39.18 -6.58 -34.54
CA ALA B 587 38.99 -6.61 -33.09
C ALA B 587 38.41 -7.95 -32.64
N TYR B 588 37.71 -8.64 -33.54
CA TYR B 588 37.22 -9.98 -33.22
C TYR B 588 38.37 -10.95 -32.97
N PHE B 589 39.44 -10.85 -33.75
CA PHE B 589 40.59 -11.72 -33.54
C PHE B 589 41.20 -11.50 -32.16
N LYS B 590 41.37 -10.22 -31.77
CA LYS B 590 41.92 -9.91 -30.46
C LYS B 590 40.99 -10.40 -29.35
N MET B 591 39.68 -10.22 -29.53
CA MET B 591 38.72 -10.67 -28.53
C MET B 591 38.78 -12.18 -28.37
N TRP B 592 38.87 -12.92 -29.48
CA TRP B 592 38.97 -14.36 -29.43
C TRP B 592 40.25 -14.80 -28.74
N LYS B 593 41.38 -14.14 -29.05
CA LYS B 593 42.63 -14.51 -28.43
C LYS B 593 42.61 -14.23 -26.93
N GLN B 594 42.02 -13.11 -26.53
CA GLN B 594 41.96 -12.77 -25.11
C GLN B 594 41.06 -13.73 -24.34
N THR B 595 39.84 -13.95 -24.83
CA THR B 595 38.91 -14.81 -24.11
C THR B 595 39.42 -16.25 -24.08
N GLU B 596 39.97 -16.72 -25.20
CA GLU B 596 40.47 -18.09 -25.28
C GLU B 596 41.99 -18.10 -25.39
#